data_6FRZ
#
_entry.id   6FRZ
#
_cell.length_a   54.350
_cell.length_b   81.125
_cell.length_c   70.583
_cell.angle_alpha   90.00
_cell.angle_beta   94.94
_cell.angle_gamma   90.00
#
_symmetry.space_group_name_H-M   'P 1 21 1'
#
loop_
_entity.id
_entity.type
_entity.pdbx_description
1 polymer 'Parathion hydrolase'
2 non-polymer 'FORMIC ACID'
3 non-polymer 'ZINC ION'
4 non-polymer 5-methylcyclohexane-1,1,3,3-tetrol
5 non-polymer 2-AMINO-2-HYDROXYMETHYL-PROPANE-1,3-DIOL
6 non-polymer 'HEXAETHYLENE GLYCOL'
7 non-polymer DI(HYDROXYETHYL)ETHER
8 non-polymer 'TRIETHYLENE GLYCOL'
9 water water
#
_entity_poly.entity_id   1
_entity_poly.type   'polypeptide(L)'
_entity_poly.pdbx_seq_one_letter_code
;ISEFITNSGDRINTVRGPITISEAGFTLTHEHICGSSAGFLRAWPEFFGSRAALVEKAVRGLRRARAAGVRTIVDVSTFD
AGRDVSLLAEVSRAADVHIVAATGLWEDPPLSMRLRSVEELTQFFLREIQYGIEDTGIRAGIIKVATQGKATPFQELVLR
AAARASLATGVPVTTHTFASQRDGEQQAAIFESEGLSPSRVCIGHSDDTDDLSYLTALAARGYLIGLDGIPHSAIGLEDN
ASASALLGNRSWQTRALLIKALIDQGYMKQILVSNDWLFGFSSYVTNIMDVMDSVNPDGMAFIPLRVIPFLREKGVPQET
LAGITVTNPARFLSPTLRAS
;
_entity_poly.pdbx_strand_id   A,B
#
loop_
_chem_comp.id
_chem_comp.type
_chem_comp.name
_chem_comp.formula
E4T non-polymer 5-methylcyclohexane-1,1,3,3-tetrol 'C7 H14 O4'
FMT non-polymer 'FORMIC ACID' 'C H2 O2'
P6G non-polymer 'HEXAETHYLENE GLYCOL' 'C12 H26 O7'
PEG non-polymer DI(HYDROXYETHYL)ETHER 'C4 H10 O3'
PGE non-polymer 'TRIETHYLENE GLYCOL' 'C6 H14 O4'
TRS non-polymer 2-AMINO-2-HYDROXYMETHYL-PROPANE-1,3-DIOL 'C4 H12 N O3 1'
ZN non-polymer 'ZINC ION' 'Zn 2'
#
# COMPACT_ATOMS: atom_id res chain seq x y z
N ASP A 10 15.43 -30.20 7.40
CA ASP A 10 16.73 -29.91 8.01
C ASP A 10 16.88 -28.42 8.30
N ARG A 11 16.40 -27.57 7.38
CA ARG A 11 16.75 -26.16 7.39
C ARG A 11 15.51 -25.28 7.41
N ILE A 12 15.63 -24.14 8.09
CA ILE A 12 14.63 -23.09 8.16
C ILE A 12 15.21 -21.87 7.47
N ASN A 13 14.43 -21.22 6.60
CA ASN A 13 14.89 -20.00 5.98
C ASN A 13 14.73 -18.82 6.95
N THR A 14 15.81 -18.04 7.11
CA THR A 14 15.79 -16.81 7.90
C THR A 14 16.23 -15.65 7.02
N VAL A 15 16.17 -14.43 7.57
CA VAL A 15 16.60 -13.28 6.78
C VAL A 15 18.11 -13.21 6.61
N ARG A 16 18.87 -14.07 7.30
CA ARG A 16 20.31 -14.20 7.05
C ARG A 16 20.65 -15.46 6.27
N GLY A 17 19.67 -16.21 5.79
CA GLY A 17 19.91 -17.44 5.10
C GLY A 17 19.39 -18.66 5.85
N PRO A 18 19.67 -19.84 5.32
CA PRO A 18 19.16 -21.06 5.96
C PRO A 18 19.92 -21.40 7.24
N ILE A 19 19.18 -21.85 8.26
CA ILE A 19 19.77 -22.35 9.50
C ILE A 19 19.26 -23.75 9.76
N THR A 20 20.05 -24.51 10.52
CA THR A 20 19.58 -25.83 10.93
C THR A 20 18.56 -25.69 12.06
N ILE A 21 17.77 -26.76 12.23
CA ILE A 21 16.70 -26.74 13.22
C ILE A 21 17.27 -26.52 14.62
N SER A 22 18.42 -27.12 14.93
CA SER A 22 18.99 -27.00 16.26
C SER A 22 19.44 -25.58 16.56
N GLU A 23 19.69 -24.76 15.53
CA GLU A 23 20.16 -23.39 15.73
C GLU A 23 19.05 -22.44 16.14
N ALA A 24 17.77 -22.81 15.95
CA ALA A 24 16.69 -21.89 16.26
C ALA A 24 16.61 -21.58 17.76
N GLY A 25 16.75 -22.59 18.61
CA GLY A 25 16.73 -22.34 20.04
C GLY A 25 15.39 -21.79 20.52
N PHE A 26 15.44 -21.05 21.63
CA PHE A 26 14.30 -20.31 22.17
C PHE A 26 13.71 -19.40 21.11
N THR A 27 12.48 -19.66 20.66
CA THR A 27 11.89 -18.97 19.52
C THR A 27 10.57 -18.32 19.90
N LEU A 28 10.43 -17.03 19.61
CA LEU A 28 9.14 -16.34 19.73
C LEU A 28 8.44 -16.40 18.37
N THR A 29 7.24 -16.99 18.33
CA THR A 29 6.65 -17.36 17.05
C THR A 29 5.70 -16.34 16.44
N HIS A 30 5.45 -15.21 17.11
CA HIS A 30 4.57 -14.19 16.52
C HIS A 30 5.04 -12.82 17.03
N GLU A 31 5.82 -12.13 16.19
CA GLU A 31 6.44 -10.85 16.54
C GLU A 31 6.45 -9.95 15.32
N HIS A 32 6.77 -8.67 15.53
CA HIS A 32 6.91 -7.73 14.45
C HIS A 32 8.10 -6.82 14.73
N ILE A 33 8.94 -6.57 13.73
CA ILE A 33 9.86 -5.45 13.88
C ILE A 33 9.10 -4.14 13.75
N CYS A 34 8.25 -4.03 12.73
CA CYS A 34 7.51 -2.80 12.48
C CYS A 34 6.15 -3.15 11.90
N GLY A 35 5.09 -2.77 12.59
CA GLY A 35 3.75 -2.92 12.04
C GLY A 35 3.36 -1.69 11.25
N SER A 36 3.28 -1.83 9.92
CA SER A 36 3.07 -0.67 9.06
C SER A 36 2.19 -1.04 7.88
N SER A 37 2.45 -0.42 6.73
CA SER A 37 1.73 -0.69 5.50
C SER A 37 2.73 -0.76 4.37
N ALA A 38 2.36 -1.46 3.29
CA ALA A 38 3.27 -1.62 2.16
C ALA A 38 3.78 -0.26 1.70
N GLY A 39 5.11 -0.14 1.57
CA GLY A 39 5.74 1.06 1.09
C GLY A 39 5.84 2.20 2.08
N PHE A 40 5.21 2.10 3.25
CA PHE A 40 5.08 3.27 4.13
C PHE A 40 6.40 3.65 4.79
N LEU A 41 7.15 2.66 5.28
CA LEU A 41 8.42 2.96 5.93
C LEU A 41 9.39 3.65 4.98
N ARG A 42 9.37 3.25 3.71
CA ARG A 42 10.24 3.89 2.72
C ARG A 42 9.74 5.27 2.32
N ALA A 43 8.42 5.49 2.32
CA ALA A 43 7.88 6.77 1.86
C ALA A 43 7.86 7.83 2.95
N TRP A 44 7.76 7.44 4.22
CA TRP A 44 7.59 8.40 5.31
C TRP A 44 8.32 7.92 6.55
N PRO A 45 9.64 7.72 6.47
CA PRO A 45 10.37 7.21 7.65
C PRO A 45 10.36 8.17 8.82
N GLU A 46 10.11 9.45 8.58
CA GLU A 46 10.05 10.40 9.67
C GLU A 46 8.85 10.16 10.57
N PHE A 47 7.86 9.37 10.12
CA PHE A 47 6.79 8.95 11.01
C PHE A 47 7.36 8.21 12.23
N PHE A 48 8.47 7.50 12.04
CA PHE A 48 9.14 6.77 13.11
C PHE A 48 10.35 7.54 13.64
N GLY A 49 10.37 8.87 13.46
CA GLY A 49 11.54 9.65 13.78
C GLY A 49 12.50 9.65 12.60
N SER A 50 13.10 8.49 12.36
CA SER A 50 13.88 8.25 11.15
C SER A 50 14.01 6.75 11.01
N ARG A 51 14.39 6.30 9.81
CA ARG A 51 14.73 4.90 9.61
C ARG A 51 15.84 4.47 10.55
N ALA A 52 16.86 5.32 10.71
CA ALA A 52 17.99 5.00 11.59
C ALA A 52 17.53 4.89 13.04
N ALA A 53 16.62 5.75 13.49
CA ALA A 53 16.12 5.66 14.87
C ALA A 53 15.33 4.37 15.07
N LEU A 54 14.53 3.98 14.08
CA LEU A 54 13.77 2.74 14.18
C LEU A 54 14.69 1.54 14.23
N VAL A 55 15.73 1.52 13.39
CA VAL A 55 16.74 0.46 13.46
C VAL A 55 17.36 0.41 14.85
N GLU A 56 17.79 1.55 15.37
CA GLU A 56 18.43 1.55 16.68
C GLU A 56 17.49 1.02 17.75
N LYS A 57 16.21 1.42 17.70
CA LYS A 57 15.26 0.97 18.71
C LYS A 57 15.03 -0.53 18.63
N ALA A 58 14.87 -1.03 17.40
CA ALA A 58 14.63 -2.46 17.22
C ALA A 58 15.87 -3.28 17.63
N VAL A 59 17.06 -2.79 17.29
CA VAL A 59 18.27 -3.54 17.66
C VAL A 59 18.42 -3.58 19.18
N ARG A 60 18.20 -2.44 19.84
CA ARG A 60 18.27 -2.43 21.30
C ARG A 60 17.26 -3.41 21.90
N GLY A 61 16.04 -3.40 21.38
CA GLY A 61 15.01 -4.29 21.92
C GLY A 61 15.30 -5.75 21.64
N LEU A 62 15.77 -6.08 20.43
CA LEU A 62 16.10 -7.46 20.13
C LEU A 62 17.33 -7.93 20.93
N ARG A 63 18.29 -7.04 21.16
CA ARG A 63 19.42 -7.42 22.01
C ARG A 63 18.98 -7.67 23.44
N ARG A 64 17.97 -6.97 23.90
CA ARG A 64 17.47 -7.22 25.25
C ARG A 64 16.81 -8.60 25.30
N ALA A 65 16.02 -8.92 24.28
CA ALA A 65 15.41 -10.24 24.23
C ALA A 65 16.47 -11.33 24.15
N ARG A 66 17.54 -11.10 23.38
CA ARG A 66 18.60 -12.07 23.27
C ARG A 66 19.25 -12.32 24.63
N ALA A 67 19.53 -11.26 25.37
CA ALA A 67 20.14 -11.42 26.69
C ALA A 67 19.23 -12.20 27.62
N ALA A 68 17.92 -12.12 27.39
CA ALA A 68 16.96 -12.87 28.18
C ALA A 68 16.80 -14.32 27.73
N GLY A 69 17.45 -14.71 26.64
CA GLY A 69 17.45 -16.09 26.20
C GLY A 69 16.87 -16.33 24.82
N VAL A 70 16.24 -15.33 24.19
CA VAL A 70 15.63 -15.54 22.88
C VAL A 70 16.71 -15.67 21.83
N ARG A 71 16.59 -16.68 20.98
CA ARG A 71 17.56 -16.86 19.89
C ARG A 71 16.96 -16.61 18.52
N THR A 72 15.63 -16.72 18.39
CA THR A 72 14.95 -16.60 17.12
C THR A 72 13.61 -15.90 17.35
N ILE A 73 13.22 -15.02 16.42
CA ILE A 73 11.83 -14.56 16.36
C ILE A 73 11.28 -14.84 14.98
N VAL A 74 9.97 -15.00 14.91
CA VAL A 74 9.26 -15.12 13.64
C VAL A 74 8.52 -13.80 13.46
N ASP A 75 8.93 -13.02 12.45
CA ASP A 75 8.26 -11.76 12.15
C ASP A 75 7.11 -12.06 11.20
N VAL A 76 5.88 -11.96 11.71
CA VAL A 76 4.72 -12.38 10.92
C VAL A 76 4.09 -11.20 10.21
N SER A 77 4.89 -10.17 9.93
CA SER A 77 4.44 -9.06 9.09
C SER A 77 4.42 -9.49 7.64
N THR A 78 3.27 -9.32 7.00
CA THR A 78 3.13 -9.60 5.59
C THR A 78 3.44 -8.37 4.74
N PHE A 79 3.40 -8.57 3.42
CA PHE A 79 3.38 -7.45 2.48
C PHE A 79 2.50 -6.28 2.94
N ASP A 80 1.22 -6.53 3.23
CA ASP A 80 0.30 -5.44 3.50
C ASP A 80 0.41 -4.88 4.92
N ALA A 81 1.13 -5.58 5.80
CA ALA A 81 1.51 -5.03 7.09
C ALA A 81 2.84 -4.31 7.03
N GLY A 82 3.32 -4.03 5.81
CA GLY A 82 4.48 -3.18 5.66
C GLY A 82 5.81 -3.86 5.89
N ARG A 83 5.86 -5.19 5.84
CA ARG A 83 7.11 -5.92 5.95
C ARG A 83 8.16 -5.31 5.05
N ASP A 84 9.31 -4.99 5.64
CA ASP A 84 10.46 -4.47 4.93
C ASP A 84 11.58 -5.44 5.26
N VAL A 85 11.79 -6.43 4.38
CA VAL A 85 12.69 -7.52 4.72
C VAL A 85 14.14 -7.02 4.83
N SER A 86 14.47 -5.91 4.16
N SER A 86 14.48 -5.91 4.15
CA SER A 86 15.80 -5.33 4.34
CA SER A 86 15.80 -5.34 4.34
C SER A 86 15.96 -4.75 5.74
C SER A 86 15.96 -4.75 5.74
N LEU A 87 14.88 -4.23 6.33
CA LEU A 87 14.93 -3.82 7.73
C LEU A 87 15.12 -5.04 8.64
N LEU A 88 14.34 -6.09 8.39
CA LEU A 88 14.47 -7.31 9.20
C LEU A 88 15.89 -7.85 9.15
N ALA A 89 16.50 -7.87 7.95
CA ALA A 89 17.85 -8.38 7.83
C ALA A 89 18.84 -7.52 8.60
N GLU A 90 18.69 -6.20 8.49
CA GLU A 90 19.58 -5.29 9.21
C GLU A 90 19.48 -5.50 10.72
N VAL A 91 18.26 -5.57 11.25
CA VAL A 91 18.09 -5.69 12.70
C VAL A 91 18.53 -7.08 13.19
N SER A 92 18.23 -8.11 12.41
CA SER A 92 18.66 -9.46 12.75
C SER A 92 20.17 -9.53 12.88
N ARG A 93 20.86 -8.97 11.88
CA ARG A 93 22.31 -9.05 11.88
C ARG A 93 22.91 -8.30 13.06
N ALA A 94 22.35 -7.14 13.40
CA ALA A 94 22.95 -6.29 14.42
C ALA A 94 22.54 -6.66 15.84
N ALA A 95 21.54 -7.53 15.98
CA ALA A 95 21.17 -8.07 17.29
C ALA A 95 21.57 -9.54 17.44
N ASP A 96 22.10 -10.14 16.38
CA ASP A 96 22.44 -11.56 16.34
C ASP A 96 21.28 -12.41 16.86
N VAL A 97 20.09 -12.13 16.32
CA VAL A 97 18.89 -12.90 16.61
C VAL A 97 18.34 -13.36 15.27
N HIS A 98 18.10 -14.65 15.13
CA HIS A 98 17.52 -15.14 13.88
C HIS A 98 16.13 -14.54 13.70
N ILE A 99 15.81 -14.13 12.47
CA ILE A 99 14.45 -13.67 12.15
C ILE A 99 13.92 -14.47 10.96
N VAL A 100 12.79 -15.14 11.17
CA VAL A 100 12.06 -15.78 10.07
C VAL A 100 11.04 -14.79 9.52
N ALA A 101 11.09 -14.57 8.20
CA ALA A 101 10.17 -13.66 7.51
C ALA A 101 8.93 -14.41 7.03
N ALA A 102 7.85 -13.67 6.84
CA ALA A 102 6.57 -14.23 6.43
C ALA A 102 6.17 -13.80 5.02
N THR A 103 5.39 -14.67 4.37
CA THR A 103 4.53 -14.27 3.24
C THR A 103 3.09 -14.34 3.72
N GLY A 104 2.15 -14.28 2.78
CA GLY A 104 0.74 -14.26 3.13
C GLY A 104 0.16 -12.86 3.01
N LEU A 105 -1.06 -12.71 3.55
CA LEU A 105 -1.69 -11.39 3.62
C LEU A 105 -2.42 -11.25 4.94
N TRP A 106 -2.42 -10.01 5.46
CA TRP A 106 -2.95 -9.66 6.77
C TRP A 106 -4.29 -8.94 6.54
N GLU A 107 -4.65 -7.97 7.36
CA GLU A 107 -6.00 -7.46 7.29
C GLU A 107 -6.14 -6.22 6.41
N ASP A 108 -5.08 -5.80 5.70
CA ASP A 108 -5.13 -4.56 4.91
C ASP A 108 -4.59 -4.71 3.48
N PRO A 109 -5.03 -5.72 2.72
CA PRO A 109 -4.51 -5.89 1.35
C PRO A 109 -4.95 -4.76 0.44
N PRO A 110 -4.05 -4.25 -0.39
CA PRO A 110 -4.43 -3.20 -1.34
C PRO A 110 -5.19 -3.80 -2.52
N LEU A 111 -5.69 -2.91 -3.38
CA LEU A 111 -6.46 -3.36 -4.54
C LEU A 111 -5.70 -4.37 -5.39
N SER A 112 -4.41 -4.14 -5.61
CA SER A 112 -3.66 -5.05 -6.48
C SER A 112 -3.59 -6.47 -5.91
N MET A 113 -3.84 -6.63 -4.60
CA MET A 113 -3.98 -7.97 -4.04
C MET A 113 -5.43 -8.44 -4.01
N ARG A 114 -6.36 -7.57 -3.59
CA ARG A 114 -7.75 -7.95 -3.43
C ARG A 114 -8.42 -8.37 -4.73
N LEU A 115 -7.87 -7.97 -5.87
CA LEU A 115 -8.45 -8.31 -7.16
C LEU A 115 -7.94 -9.64 -7.70
N ARG A 116 -7.06 -10.32 -6.97
CA ARG A 116 -6.39 -11.51 -7.48
C ARG A 116 -7.15 -12.78 -7.16
N SER A 117 -6.98 -13.78 -8.04
CA SER A 117 -7.61 -15.07 -7.89
C SER A 117 -6.83 -15.94 -6.90
N VAL A 118 -7.44 -17.07 -6.51
CA VAL A 118 -6.73 -17.99 -5.62
C VAL A 118 -5.46 -18.49 -6.28
N GLU A 119 -5.50 -18.74 -7.60
CA GLU A 119 -4.32 -19.22 -8.30
C GLU A 119 -3.22 -18.16 -8.31
N GLU A 120 -3.60 -16.89 -8.52
CA GLU A 120 -2.62 -15.81 -8.52
C GLU A 120 -2.00 -15.63 -7.15
N LEU A 121 -2.83 -15.64 -6.10
CA LEU A 121 -2.30 -15.51 -4.75
C LEU A 121 -1.37 -16.66 -4.41
N THR A 122 -1.70 -17.88 -4.86
CA THR A 122 -0.80 -19.01 -4.62
C THR A 122 0.55 -18.75 -5.25
N GLN A 123 0.57 -18.22 -6.49
CA GLN A 123 1.82 -17.90 -7.15
C GLN A 123 2.63 -16.87 -6.37
N PHE A 124 1.95 -15.84 -5.82
CA PHE A 124 2.68 -14.83 -5.06
C PHE A 124 3.29 -15.40 -3.79
N PHE A 125 2.51 -16.20 -3.04
CA PHE A 125 3.07 -16.79 -1.82
C PHE A 125 4.22 -17.72 -2.16
N LEU A 126 4.08 -18.51 -3.22
CA LEU A 126 5.16 -19.40 -3.62
C LEU A 126 6.39 -18.62 -4.04
N ARG A 127 6.20 -17.48 -4.70
CA ARG A 127 7.35 -16.66 -5.07
C ARG A 127 8.15 -16.26 -3.84
N GLU A 128 7.47 -15.82 -2.78
CA GLU A 128 8.19 -15.32 -1.63
C GLU A 128 8.86 -16.44 -0.83
N ILE A 129 8.34 -17.67 -0.93
CA ILE A 129 8.92 -18.82 -0.23
C ILE A 129 10.04 -19.46 -1.02
N GLN A 130 9.84 -19.62 -2.34
CA GLN A 130 10.72 -20.42 -3.19
C GLN A 130 11.76 -19.59 -3.92
N TYR A 131 11.46 -18.33 -4.23
CA TYR A 131 12.35 -17.46 -4.98
C TYR A 131 12.98 -16.40 -4.09
N GLY A 132 12.16 -15.63 -3.40
CA GLY A 132 12.66 -14.58 -2.54
C GLY A 132 11.65 -13.44 -2.47
N ILE A 133 11.86 -12.58 -1.49
CA ILE A 133 11.01 -11.42 -1.28
C ILE A 133 11.61 -10.23 -2.02
N GLU A 134 10.81 -9.59 -2.87
CA GLU A 134 11.25 -8.45 -3.67
C GLU A 134 12.51 -8.92 -4.42
N ASP A 135 13.58 -8.12 -4.45
CA ASP A 135 14.82 -8.48 -5.12
C ASP A 135 15.91 -8.84 -4.12
N THR A 136 15.55 -9.28 -2.92
CA THR A 136 16.54 -9.45 -1.86
C THR A 136 17.14 -10.85 -1.79
N GLY A 137 16.51 -11.83 -2.43
CA GLY A 137 16.94 -13.20 -2.24
C GLY A 137 16.55 -13.81 -0.91
N ILE A 138 15.92 -13.04 -0.03
CA ILE A 138 15.50 -13.57 1.27
C ILE A 138 14.18 -14.30 1.11
N ARG A 139 14.12 -15.53 1.57
CA ARG A 139 12.92 -16.37 1.40
C ARG A 139 12.12 -16.45 2.70
N ALA A 140 10.80 -16.43 2.54
CA ALA A 140 9.89 -16.55 3.68
C ALA A 140 9.93 -17.96 4.25
N GLY A 141 9.80 -18.05 5.57
CA GLY A 141 9.72 -19.32 6.27
C GLY A 141 8.38 -19.63 6.89
N ILE A 142 7.36 -18.80 6.67
CA ILE A 142 6.04 -18.99 7.25
C ILE A 142 5.05 -18.22 6.39
N ILE A 143 3.80 -18.66 6.39
CA ILE A 143 2.71 -17.99 5.69
C ILE A 143 1.74 -17.47 6.72
N LYS A 144 1.40 -16.18 6.63
CA LYS A 144 0.49 -15.53 7.58
C LYS A 144 -0.84 -15.22 6.89
N VAL A 145 -1.96 -15.52 7.57
CA VAL A 145 -3.29 -15.20 7.04
C VAL A 145 -4.13 -14.61 8.17
N ALA A 146 -5.29 -14.04 7.81
CA ALA A 146 -6.07 -13.33 8.82
C ALA A 146 -7.56 -13.40 8.52
N THR A 147 -8.36 -13.52 9.56
CA THR A 147 -9.79 -13.20 9.51
C THR A 147 -10.12 -12.34 10.71
N GLN A 148 -11.25 -11.64 10.63
CA GLN A 148 -11.79 -10.85 11.75
C GLN A 148 -13.27 -11.17 11.86
N GLY A 149 -13.59 -12.30 12.45
CA GLY A 149 -14.93 -12.84 12.31
C GLY A 149 -15.03 -13.63 11.03
N LYS A 150 -16.28 -13.87 10.58
CA LYS A 150 -16.51 -14.62 9.34
C LYS A 150 -15.63 -14.08 8.22
N ALA A 151 -14.99 -14.99 7.50
CA ALA A 151 -14.09 -14.61 6.42
C ALA A 151 -14.85 -13.89 5.30
N THR A 152 -14.25 -12.82 4.79
CA THR A 152 -14.71 -12.25 3.54
C THR A 152 -14.45 -13.24 2.40
N PRO A 153 -15.11 -13.05 1.25
CA PRO A 153 -14.77 -13.92 0.12
C PRO A 153 -13.30 -13.87 -0.25
N PHE A 154 -12.68 -12.69 -0.19
CA PHE A 154 -11.25 -12.62 -0.49
C PHE A 154 -10.43 -13.37 0.54
N GLN A 155 -10.80 -13.26 1.82
CA GLN A 155 -10.04 -13.95 2.86
C GLN A 155 -10.13 -15.46 2.68
N GLU A 156 -11.29 -15.96 2.21
CA GLU A 156 -11.37 -17.38 1.89
C GLU A 156 -10.35 -17.74 0.81
N LEU A 157 -10.17 -16.87 -0.20
CA LEU A 157 -9.15 -17.14 -1.21
C LEU A 157 -7.75 -17.16 -0.61
N VAL A 158 -7.46 -16.22 0.29
CA VAL A 158 -6.13 -16.19 0.90
C VAL A 158 -5.87 -17.46 1.71
N LEU A 159 -6.87 -17.90 2.50
CA LEU A 159 -6.69 -19.13 3.29
C LEU A 159 -6.41 -20.32 2.39
N ARG A 160 -7.14 -20.43 1.26
CA ARG A 160 -6.91 -21.53 0.35
C ARG A 160 -5.55 -21.44 -0.32
N ALA A 161 -5.14 -20.24 -0.74
CA ALA A 161 -3.83 -20.09 -1.36
C ALA A 161 -2.72 -20.40 -0.36
N ALA A 162 -2.91 -19.99 0.90
CA ALA A 162 -1.93 -20.31 1.92
C ALA A 162 -1.80 -21.82 2.10
N ALA A 163 -2.94 -22.53 2.15
CA ALA A 163 -2.90 -23.98 2.26
C ALA A 163 -2.18 -24.60 1.07
N ARG A 164 -2.46 -24.13 -0.14
CA ARG A 164 -1.81 -24.69 -1.32
C ARG A 164 -0.31 -24.40 -1.29
N ALA A 165 0.08 -23.20 -0.86
CA ALA A 165 1.50 -22.89 -0.79
C ALA A 165 2.20 -23.73 0.27
N SER A 166 1.53 -23.99 1.40
CA SER A 166 2.11 -24.84 2.44
C SER A 166 2.27 -26.27 1.96
N LEU A 167 1.27 -26.78 1.26
CA LEU A 167 1.36 -28.14 0.74
C LEU A 167 2.50 -28.28 -0.25
N ALA A 168 2.78 -27.23 -1.04
CA ALA A 168 3.83 -27.30 -2.04
C ALA A 168 5.23 -27.17 -1.45
N THR A 169 5.37 -26.51 -0.29
CA THR A 169 6.68 -26.18 0.25
C THR A 169 6.95 -26.76 1.62
N GLY A 170 5.93 -27.15 2.38
CA GLY A 170 6.12 -27.61 3.73
C GLY A 170 6.21 -26.52 4.77
N VAL A 171 6.25 -25.25 4.38
CA VAL A 171 6.32 -24.18 5.38
C VAL A 171 4.96 -24.05 6.05
N PRO A 172 4.93 -23.73 7.35
CA PRO A 172 3.66 -23.72 8.08
C PRO A 172 2.86 -22.45 7.85
N VAL A 173 1.61 -22.49 8.32
CA VAL A 173 0.67 -21.39 8.24
C VAL A 173 0.37 -20.91 9.65
N THR A 174 0.36 -19.59 9.85
CA THR A 174 -0.02 -19.02 11.13
C THR A 174 -1.09 -17.97 10.89
N THR A 175 -2.03 -17.85 11.82
CA THR A 175 -3.21 -17.03 11.56
C THR A 175 -3.43 -15.93 12.59
N HIS A 176 -4.05 -14.87 12.11
CA HIS A 176 -4.65 -13.83 12.94
C HIS A 176 -6.14 -14.18 13.08
N THR A 177 -6.65 -14.18 14.32
CA THR A 177 -8.08 -14.42 14.56
C THR A 177 -8.71 -13.28 15.36
N PHE A 178 -10.04 -13.20 15.25
CA PHE A 178 -10.90 -12.71 16.33
C PHE A 178 -11.29 -13.91 17.18
N ALA A 179 -10.51 -14.15 18.23
CA ALA A 179 -10.65 -15.39 19.00
C ALA A 179 -12.03 -15.50 19.65
N SER A 180 -12.61 -14.37 20.06
CA SER A 180 -13.90 -14.45 20.74
C SER A 180 -15.04 -14.76 19.79
N GLN A 181 -14.80 -14.70 18.47
CA GLN A 181 -15.77 -15.20 17.51
C GLN A 181 -15.38 -16.58 16.98
N ARG A 182 -14.43 -17.24 17.62
CA ARG A 182 -14.05 -18.62 17.32
C ARG A 182 -13.56 -18.77 15.88
N ASP A 183 -12.86 -17.76 15.37
CA ASP A 183 -12.46 -17.77 13.96
C ASP A 183 -11.63 -19.00 13.62
N GLY A 184 -10.90 -19.57 14.59
CA GLY A 184 -10.07 -20.72 14.28
C GLY A 184 -10.86 -21.89 13.74
N GLU A 185 -12.14 -21.99 14.12
CA GLU A 185 -12.97 -23.07 13.60
C GLU A 185 -13.22 -22.93 12.11
N GLN A 186 -13.53 -21.72 11.64
CA GLN A 186 -13.73 -21.55 10.20
C GLN A 186 -12.42 -21.66 9.45
N GLN A 187 -11.34 -21.11 10.01
CA GLN A 187 -10.04 -21.26 9.39
C GLN A 187 -9.69 -22.74 9.22
N ALA A 188 -9.89 -23.52 10.29
CA ALA A 188 -9.61 -24.96 10.24
C ALA A 188 -10.44 -25.64 9.17
N ALA A 189 -11.73 -25.30 9.09
CA ALA A 189 -12.60 -25.93 8.09
C ALA A 189 -12.09 -25.67 6.68
N ILE A 190 -11.68 -24.44 6.40
CA ILE A 190 -11.19 -24.11 5.07
C ILE A 190 -9.87 -24.82 4.79
N PHE A 191 -8.96 -24.80 5.76
CA PHE A 191 -7.68 -25.48 5.59
C PHE A 191 -7.87 -26.97 5.34
N GLU A 192 -8.77 -27.61 6.09
CA GLU A 192 -8.96 -29.05 5.92
C GLU A 192 -9.63 -29.36 4.59
N SER A 193 -10.47 -28.45 4.10
CA SER A 193 -11.08 -28.63 2.78
C SER A 193 -10.03 -28.57 1.67
N GLU A 194 -8.85 -28.03 1.95
CA GLU A 194 -7.74 -28.03 1.02
C GLU A 194 -6.74 -29.15 1.29
N GLY A 195 -7.00 -30.00 2.29
CA GLY A 195 -6.10 -31.09 2.58
C GLY A 195 -4.90 -30.76 3.44
N LEU A 196 -4.93 -29.63 4.14
CA LEU A 196 -3.81 -29.22 4.97
C LEU A 196 -3.84 -29.92 6.31
N SER A 197 -2.68 -30.39 6.76
CA SER A 197 -2.61 -31.04 8.08
C SER A 197 -2.69 -29.99 9.19
N PRO A 198 -3.52 -30.20 10.22
CA PRO A 198 -3.57 -29.25 11.33
C PRO A 198 -2.23 -29.02 12.00
N SER A 199 -1.31 -29.99 11.96
CA SER A 199 0.01 -29.82 12.54
C SER A 199 0.84 -28.79 11.80
N ARG A 200 0.37 -28.30 10.66
CA ARG A 200 1.07 -27.23 9.95
C ARG A 200 0.46 -25.86 10.21
N VAL A 201 -0.49 -25.76 11.15
CA VAL A 201 -1.28 -24.54 11.33
C VAL A 201 -1.23 -24.11 12.79
N CYS A 202 -0.91 -22.83 13.03
CA CYS A 202 -1.05 -22.21 14.32
C CYS A 202 -2.22 -21.23 14.27
N ILE A 203 -3.21 -21.45 15.13
CA ILE A 203 -4.33 -20.52 15.26
C ILE A 203 -3.91 -19.46 16.26
N GLY A 204 -3.66 -18.25 15.76
CA GLY A 204 -3.06 -17.20 16.58
C GLY A 204 -4.08 -16.31 17.27
N HIS A 205 -3.53 -15.42 18.11
CA HIS A 205 -4.31 -14.53 19.00
C HIS A 205 -5.30 -15.32 19.85
N SER A 206 -4.97 -16.58 20.12
CA SER A 206 -5.88 -17.43 20.89
C SER A 206 -5.95 -17.07 22.36
N ASP A 207 -5.00 -16.28 22.87
CA ASP A 207 -5.11 -15.79 24.24
C ASP A 207 -6.06 -14.61 24.38
N ASP A 208 -6.65 -14.13 23.28
CA ASP A 208 -7.63 -13.06 23.34
C ASP A 208 -8.99 -13.52 23.86
N THR A 209 -9.20 -14.83 24.02
CA THR A 209 -10.46 -15.35 24.51
C THR A 209 -10.25 -16.07 25.82
N ASP A 210 -11.32 -16.14 26.61
CA ASP A 210 -11.32 -16.94 27.82
C ASP A 210 -12.02 -18.26 27.64
N ASP A 211 -12.51 -18.56 26.43
CA ASP A 211 -13.27 -19.79 26.18
C ASP A 211 -12.28 -20.93 25.97
N LEU A 212 -11.94 -21.61 27.07
CA LEU A 212 -11.00 -22.72 26.99
C LEU A 212 -11.51 -23.85 26.11
N SER A 213 -12.84 -24.08 26.09
CA SER A 213 -13.39 -25.18 25.31
C SER A 213 -13.20 -24.97 23.81
N TYR A 214 -13.20 -23.72 23.34
CA TYR A 214 -12.86 -23.43 21.95
C TYR A 214 -11.44 -23.86 21.64
N LEU A 215 -10.50 -23.51 22.52
CA LEU A 215 -9.10 -23.82 22.30
C LEU A 215 -8.81 -25.32 22.40
N THR A 216 -9.39 -26.00 23.40
CA THR A 216 -9.09 -27.42 23.55
C THR A 216 -9.68 -28.25 22.42
N ALA A 217 -10.85 -27.86 21.91
CA ALA A 217 -11.40 -28.57 20.77
C ALA A 217 -10.49 -28.44 19.54
N LEU A 218 -9.95 -27.24 19.28
CA LEU A 218 -9.02 -27.08 18.18
C LEU A 218 -7.75 -27.89 18.40
N ALA A 219 -7.20 -27.84 19.62
CA ALA A 219 -5.97 -28.57 19.90
C ALA A 219 -6.20 -30.08 19.80
N ALA A 220 -7.39 -30.55 20.21
CA ALA A 220 -7.71 -31.97 20.04
C ALA A 220 -7.81 -32.40 18.59
N ARG A 221 -7.90 -31.45 17.66
CA ARG A 221 -7.83 -31.76 16.24
C ARG A 221 -6.41 -31.67 15.69
N GLY A 222 -5.44 -31.31 16.53
CA GLY A 222 -4.04 -31.30 16.13
C GLY A 222 -3.49 -29.93 15.79
N TYR A 223 -4.29 -28.88 15.92
CA TYR A 223 -3.81 -27.52 15.63
C TYR A 223 -2.85 -27.06 16.70
N LEU A 224 -1.94 -26.18 16.31
CA LEU A 224 -1.14 -25.46 17.29
C LEU A 224 -1.92 -24.23 17.72
N ILE A 225 -1.76 -23.87 18.99
CA ILE A 225 -2.51 -22.78 19.60
C ILE A 225 -1.53 -21.65 19.91
N GLY A 226 -1.73 -20.51 19.25
CA GLY A 226 -0.86 -19.37 19.45
C GLY A 226 -1.35 -18.48 20.58
N LEU A 227 -0.68 -18.56 21.73
CA LEU A 227 -0.95 -17.67 22.85
C LEU A 227 0.11 -16.58 22.76
N ASP A 228 -0.17 -15.58 21.92
CA ASP A 228 0.88 -14.75 21.37
C ASP A 228 0.80 -13.28 21.75
N GLY A 229 -0.14 -12.89 22.61
CA GLY A 229 -0.27 -11.48 22.96
C GLY A 229 -0.22 -11.26 24.45
N ILE A 230 0.62 -12.04 25.15
CA ILE A 230 0.53 -12.09 26.61
C ILE A 230 0.63 -10.71 27.27
N PRO A 231 1.56 -9.83 26.88
CA PRO A 231 1.63 -8.52 27.56
C PRO A 231 0.63 -7.48 27.07
N HIS A 232 -0.28 -7.83 26.15
CA HIS A 232 -1.24 -6.86 25.64
C HIS A 232 -2.33 -6.63 26.67
N SER A 233 -2.33 -5.46 27.31
CA SER A 233 -3.33 -5.14 28.32
C SER A 233 -3.42 -3.64 28.47
N ALA A 234 -4.64 -3.11 28.51
CA ALA A 234 -4.85 -1.69 28.77
C ALA A 234 -5.25 -1.42 30.21
N ILE A 235 -4.98 -2.36 31.11
CA ILE A 235 -5.18 -2.09 32.53
C ILE A 235 -4.35 -0.89 32.94
N GLY A 236 -4.98 0.06 33.62
CA GLY A 236 -4.36 1.32 33.96
C GLY A 236 -4.50 2.39 32.91
N LEU A 237 -5.00 2.03 31.72
CA LEU A 237 -5.18 2.97 30.61
C LEU A 237 -6.66 3.14 30.28
N GLU A 238 -7.52 3.04 31.29
CA GLU A 238 -8.97 3.02 31.05
C GLU A 238 -9.49 4.33 30.46
N ASP A 239 -8.79 5.44 30.65
CA ASP A 239 -9.21 6.70 30.06
C ASP A 239 -8.69 6.86 28.63
N ASN A 240 -8.12 5.81 28.05
CA ASN A 240 -7.57 5.85 26.69
C ASN A 240 -8.40 4.90 25.83
N ALA A 241 -9.35 5.46 25.07
CA ALA A 241 -10.27 4.63 24.32
C ALA A 241 -9.56 3.79 23.25
N SER A 242 -8.59 4.39 22.57
CA SER A 242 -7.96 3.67 21.47
C SER A 242 -7.04 2.57 21.99
N ALA A 243 -6.28 2.82 23.04
CA ALA A 243 -5.47 1.76 23.63
C ALA A 243 -6.37 0.67 24.21
N SER A 244 -7.46 1.05 24.87
CA SER A 244 -8.36 0.05 25.45
C SER A 244 -8.97 -0.84 24.37
N ALA A 245 -9.40 -0.23 23.25
CA ALA A 245 -10.00 -1.01 22.17
C ALA A 245 -9.01 -1.99 21.56
N LEU A 246 -7.75 -1.60 21.43
CA LEU A 246 -6.75 -2.46 20.80
C LEU A 246 -6.22 -3.53 21.75
N LEU A 247 -5.89 -3.14 22.99
CA LEU A 247 -5.18 -4.05 23.89
C LEU A 247 -6.09 -4.87 24.79
N GLY A 248 -7.35 -4.45 24.98
CA GLY A 248 -8.25 -5.16 25.86
C GLY A 248 -8.01 -4.86 27.33
N ASN A 249 -8.97 -5.28 28.16
CA ASN A 249 -8.92 -5.02 29.58
C ASN A 249 -8.67 -6.28 30.40
N ARG A 250 -8.25 -7.36 29.75
CA ARG A 250 -7.78 -8.53 30.46
C ARG A 250 -6.30 -8.39 30.76
N SER A 251 -5.89 -8.91 31.92
CA SER A 251 -4.53 -8.76 32.37
C SER A 251 -3.59 -9.72 31.66
N TRP A 252 -2.29 -9.41 31.72
CA TRP A 252 -1.30 -10.37 31.24
C TRP A 252 -1.34 -11.66 32.05
N GLN A 253 -1.68 -11.57 33.34
CA GLN A 253 -1.76 -12.80 34.14
C GLN A 253 -2.89 -13.70 33.64
N THR A 254 -4.03 -13.11 33.29
CA THR A 254 -5.13 -13.90 32.75
C THR A 254 -4.71 -14.59 31.46
N ARG A 255 -4.02 -13.86 30.58
CA ARG A 255 -3.52 -14.46 29.35
C ARG A 255 -2.51 -15.56 29.65
N ALA A 256 -1.57 -15.29 30.57
CA ALA A 256 -0.54 -16.29 30.88
C ALA A 256 -1.13 -17.52 31.54
N LEU A 257 -2.22 -17.36 32.30
CA LEU A 257 -2.83 -18.53 32.92
C LEU A 257 -3.53 -19.42 31.89
N LEU A 258 -3.80 -18.92 30.68
CA LEU A 258 -4.26 -19.82 29.62
C LEU A 258 -3.15 -20.75 29.16
N ILE A 259 -1.89 -20.29 29.21
CA ILE A 259 -0.79 -21.20 28.94
C ILE A 259 -0.80 -22.34 29.93
N LYS A 260 -0.87 -22.01 31.23
CA LYS A 260 -0.91 -23.05 32.25
C LYS A 260 -2.14 -23.94 32.06
N ALA A 261 -3.29 -23.36 31.71
CA ALA A 261 -4.50 -24.16 31.52
C ALA A 261 -4.31 -25.18 30.40
N LEU A 262 -3.76 -24.77 29.26
CA LEU A 262 -3.58 -25.73 28.18
C LEU A 262 -2.53 -26.79 28.53
N ILE A 263 -1.50 -26.41 29.30
CA ILE A 263 -0.58 -27.40 29.83
C ILE A 263 -1.33 -28.39 30.73
N ASP A 264 -2.14 -27.86 31.64
CA ASP A 264 -2.85 -28.73 32.60
C ASP A 264 -3.83 -29.65 31.90
N GLN A 265 -4.34 -29.26 30.73
CA GLN A 265 -5.26 -30.11 29.98
C GLN A 265 -4.55 -31.07 29.04
N GLY A 266 -3.23 -31.03 28.95
CA GLY A 266 -2.46 -32.01 28.22
C GLY A 266 -1.95 -31.60 26.87
N TYR A 267 -1.95 -30.30 26.56
CA TYR A 267 -1.62 -29.83 25.21
C TYR A 267 -0.27 -29.11 25.15
N MET A 268 0.67 -29.43 26.05
CA MET A 268 1.94 -28.71 26.06
C MET A 268 2.69 -28.83 24.73
N LYS A 269 2.51 -29.92 23.99
CA LYS A 269 3.21 -30.09 22.72
C LYS A 269 2.63 -29.24 21.61
N GLN A 270 1.51 -28.57 21.85
CA GLN A 270 0.86 -27.79 20.81
C GLN A 270 0.71 -26.30 21.13
N ILE A 271 1.37 -25.83 22.17
CA ILE A 271 1.30 -24.42 22.56
C ILE A 271 2.48 -23.68 21.95
N LEU A 272 2.20 -22.52 21.36
CA LEU A 272 3.23 -21.58 20.91
C LEU A 272 3.00 -20.26 21.61
N VAL A 273 4.03 -19.70 22.26
CA VAL A 273 3.90 -18.49 23.06
C VAL A 273 4.69 -17.34 22.42
N SER A 274 4.13 -16.13 22.50
CA SER A 274 4.88 -14.99 21.98
C SER A 274 4.32 -13.71 22.63
N ASN A 275 4.90 -12.56 22.26
CA ASN A 275 4.50 -11.26 22.78
C ASN A 275 3.62 -10.46 21.83
N ASP A 276 3.70 -10.73 20.53
CA ASP A 276 3.11 -9.88 19.49
C ASP A 276 3.53 -8.43 19.68
N TRP A 277 4.83 -8.24 19.91
CA TRP A 277 5.35 -6.90 20.11
C TRP A 277 5.86 -6.32 18.79
N LEU A 278 6.15 -5.02 18.83
CA LEU A 278 6.68 -4.29 17.69
C LEU A 278 7.58 -3.18 18.20
N PHE A 279 8.39 -2.65 17.30
CA PHE A 279 9.23 -1.50 17.63
C PHE A 279 8.82 -0.23 16.90
N GLY A 280 8.02 -0.36 15.84
CA GLY A 280 7.30 0.76 15.28
C GLY A 280 5.91 0.28 14.88
N PHE A 281 4.98 1.23 14.81
CA PHE A 281 3.56 0.87 14.67
C PHE A 281 2.84 2.06 14.05
N SER A 282 2.62 2.00 12.72
CA SER A 282 1.99 3.11 12.01
C SER A 282 0.55 2.83 11.59
N SER A 283 0.08 1.58 11.69
CA SER A 283 -1.25 1.22 11.19
C SER A 283 -2.36 1.44 12.21
N TYR A 284 -2.09 2.16 13.29
CA TYR A 284 -3.12 2.50 14.27
C TYR A 284 -2.93 3.98 14.62
N VAL A 285 -3.47 4.40 15.78
CA VAL A 285 -3.39 5.80 16.18
C VAL A 285 -1.94 6.19 16.43
N THR A 286 -1.67 7.49 16.32
CA THR A 286 -0.29 7.96 16.28
C THR A 286 0.50 7.60 17.56
N ASN A 287 -0.11 7.74 18.72
CA ASN A 287 0.70 7.58 19.93
C ASN A 287 0.84 6.12 20.42
N ILE A 288 0.38 5.14 19.66
CA ILE A 288 0.16 3.82 20.23
C ILE A 288 1.46 3.14 20.64
N MET A 289 2.54 3.33 19.87
CA MET A 289 3.78 2.64 20.22
C MET A 289 4.31 3.15 21.55
N ASP A 290 4.22 4.46 21.79
CA ASP A 290 4.68 5.01 23.07
C ASP A 290 3.80 4.52 24.21
N VAL A 291 2.50 4.42 23.98
CA VAL A 291 1.59 3.92 25.01
C VAL A 291 1.92 2.46 25.32
N MET A 292 2.07 1.64 24.28
CA MET A 292 2.41 0.24 24.50
C MET A 292 3.74 0.08 25.22
N ASP A 293 4.74 0.87 24.85
CA ASP A 293 6.04 0.78 25.50
C ASP A 293 5.94 1.18 26.96
N SER A 294 4.99 2.06 27.30
CA SER A 294 4.91 2.54 28.66
C SER A 294 4.35 1.48 29.59
N VAL A 295 3.57 0.52 29.09
CA VAL A 295 3.10 -0.53 29.97
C VAL A 295 3.89 -1.84 29.84
N ASN A 296 4.66 -2.04 28.76
CA ASN A 296 5.57 -3.18 28.66
C ASN A 296 6.93 -2.74 28.15
N PRO A 297 7.74 -2.11 29.01
CA PRO A 297 9.11 -1.75 28.61
C PRO A 297 9.98 -2.95 28.27
N ASP A 298 9.67 -4.14 28.78
CA ASP A 298 10.45 -5.31 28.43
C ASP A 298 10.30 -5.70 26.96
N GLY A 299 9.25 -5.23 26.30
CA GLY A 299 9.09 -5.51 24.87
C GLY A 299 9.04 -6.99 24.59
N MET A 300 9.89 -7.45 23.66
CA MET A 300 9.91 -8.87 23.33
C MET A 300 10.57 -9.71 24.42
N ALA A 301 11.24 -9.10 25.38
CA ALA A 301 11.77 -9.87 26.47
C ALA A 301 10.71 -10.23 27.50
N PHE A 302 9.45 -9.83 27.27
CA PHE A 302 8.41 -10.09 28.27
C PHE A 302 8.19 -11.59 28.49
N ILE A 303 8.13 -12.38 27.42
CA ILE A 303 7.97 -13.83 27.59
C ILE A 303 9.10 -14.41 28.47
N PRO A 304 10.39 -14.23 28.15
CA PRO A 304 11.40 -14.88 29.00
C PRO A 304 11.55 -14.26 30.37
N LEU A 305 11.37 -12.95 30.49
CA LEU A 305 11.64 -12.32 31.77
C LEU A 305 10.45 -12.33 32.70
N ARG A 306 9.22 -12.40 32.18
CA ARG A 306 8.07 -12.31 33.07
C ARG A 306 7.18 -13.54 33.04
N VAL A 307 6.91 -14.09 31.86
CA VAL A 307 5.97 -15.19 31.76
C VAL A 307 6.61 -16.48 32.25
N ILE A 308 7.83 -16.77 31.82
CA ILE A 308 8.50 -18.00 32.28
C ILE A 308 8.63 -18.04 33.79
N PRO A 309 9.12 -17.01 34.48
CA PRO A 309 9.19 -17.10 35.96
C PRO A 309 7.83 -17.26 36.61
N PHE A 310 6.81 -16.62 36.04
CA PHE A 310 5.45 -16.74 36.56
C PHE A 310 4.96 -18.18 36.46
N LEU A 311 5.16 -18.82 35.31
CA LEU A 311 4.72 -20.21 35.16
C LEU A 311 5.57 -21.15 36.01
N ARG A 312 6.88 -20.88 36.12
CA ARG A 312 7.72 -21.78 36.89
C ARG A 312 7.29 -21.80 38.36
N GLU A 313 6.95 -20.65 38.92
CA GLU A 313 6.52 -20.66 40.31
C GLU A 313 5.11 -21.19 40.50
N LYS A 314 4.33 -21.31 39.42
CA LYS A 314 3.06 -22.03 39.42
C LYS A 314 3.25 -23.54 39.35
N GLY A 315 4.48 -24.02 39.18
CA GLY A 315 4.77 -25.44 39.16
C GLY A 315 5.02 -26.05 37.81
N VAL A 316 5.11 -25.25 36.74
CA VAL A 316 5.40 -25.82 35.44
C VAL A 316 6.89 -26.16 35.41
N PRO A 317 7.26 -27.41 35.14
CA PRO A 317 8.67 -27.80 35.19
C PRO A 317 9.47 -27.26 34.01
N GLN A 318 10.78 -27.22 34.22
CA GLN A 318 11.70 -26.69 33.22
C GLN A 318 11.57 -27.41 31.89
N GLU A 319 11.44 -28.75 31.92
CA GLU A 319 11.35 -29.50 30.67
C GLU A 319 10.12 -29.09 29.86
N THR A 320 9.03 -28.75 30.55
CA THR A 320 7.83 -28.32 29.85
C THR A 320 8.02 -26.94 29.23
N LEU A 321 8.62 -26.02 29.99
CA LEU A 321 8.84 -24.68 29.46
C LEU A 321 9.82 -24.72 28.29
N ALA A 322 10.84 -25.57 28.36
CA ALA A 322 11.76 -25.72 27.23
C ALA A 322 11.09 -26.40 26.06
N GLY A 323 10.18 -27.34 26.32
CA GLY A 323 9.43 -27.93 25.23
C GLY A 323 8.60 -26.92 24.48
N ILE A 324 7.95 -25.99 25.20
CA ILE A 324 7.08 -25.02 24.56
C ILE A 324 7.89 -24.00 23.77
N THR A 325 9.04 -23.57 24.31
CA THR A 325 9.77 -22.45 23.71
C THR A 325 10.85 -22.88 22.72
N VAL A 326 11.25 -24.15 22.73
CA VAL A 326 12.30 -24.63 21.84
C VAL A 326 11.76 -25.74 20.93
N THR A 327 11.24 -26.81 21.54
CA THR A 327 10.84 -27.98 20.75
C THR A 327 9.66 -27.66 19.84
N ASN A 328 8.59 -27.07 20.39
CA ASN A 328 7.40 -26.81 19.58
C ASN A 328 7.70 -25.89 18.40
N PRO A 329 8.38 -24.75 18.57
CA PRO A 329 8.66 -23.92 17.37
C PRO A 329 9.52 -24.63 16.35
N ALA A 330 10.49 -25.45 16.80
CA ALA A 330 11.34 -26.17 15.86
C ALA A 330 10.51 -27.15 15.03
N ARG A 331 9.62 -27.89 15.69
CA ARG A 331 8.77 -28.83 14.98
C ARG A 331 7.83 -28.10 14.03
N PHE A 332 7.33 -26.94 14.45
CA PHE A 332 6.41 -26.16 13.64
C PHE A 332 7.09 -25.58 12.41
N LEU A 333 8.29 -25.00 12.60
CA LEU A 333 8.95 -24.26 11.52
C LEU A 333 9.66 -25.18 10.52
N SER A 334 10.09 -26.38 10.95
N SER A 334 10.09 -26.36 10.95
CA SER A 334 10.73 -27.33 10.05
CA SER A 334 10.78 -27.27 10.04
C SER A 334 9.81 -27.63 8.88
C SER A 334 9.85 -27.64 8.89
N PRO A 335 10.24 -27.41 7.64
CA PRO A 335 9.34 -27.68 6.51
C PRO A 335 9.04 -29.17 6.44
N THR A 336 7.74 -29.49 6.35
CA THR A 336 7.24 -30.85 6.45
C THR A 336 6.05 -31.01 5.53
N ILE B 1 8.09 37.46 -25.99
CA ILE B 1 9.50 37.08 -26.07
C ILE B 1 9.81 35.91 -25.14
N SER B 2 9.39 36.01 -23.88
CA SER B 2 9.84 35.03 -22.90
C SER B 2 9.33 33.62 -23.16
N GLU B 3 8.35 33.44 -24.04
CA GLU B 3 7.93 32.10 -24.42
C GLU B 3 9.07 31.32 -25.07
N PHE B 4 10.01 32.02 -25.72
CA PHE B 4 11.05 31.41 -26.52
C PHE B 4 12.31 31.05 -25.75
N ILE B 5 12.48 31.56 -24.54
CA ILE B 5 13.75 31.45 -23.83
C ILE B 5 13.70 30.24 -22.91
N THR B 6 14.59 29.28 -23.15
CA THR B 6 14.64 28.04 -22.38
C THR B 6 15.87 27.92 -21.50
N ASN B 7 16.86 28.80 -21.66
CA ASN B 7 18.12 28.65 -20.97
C ASN B 7 18.15 29.32 -19.60
N SER B 8 17.01 29.84 -19.14
CA SER B 8 16.91 30.59 -17.89
C SER B 8 15.43 30.74 -17.54
N GLY B 9 15.16 31.22 -16.32
CA GLY B 9 13.81 31.51 -15.88
C GLY B 9 13.33 30.58 -14.78
N ASP B 10 12.04 30.71 -14.46
CA ASP B 10 11.38 29.90 -13.44
C ASP B 10 11.35 28.43 -13.86
N ARG B 11 11.18 27.54 -12.88
CA ARG B 11 11.39 26.11 -13.11
C ARG B 11 10.32 25.25 -12.43
N ILE B 12 10.17 24.03 -12.97
CA ILE B 12 9.23 23.01 -12.50
C ILE B 12 10.04 21.77 -12.14
N ASN B 13 9.64 21.05 -11.08
CA ASN B 13 10.35 19.85 -10.70
C ASN B 13 9.86 18.64 -11.49
N THR B 14 10.81 17.89 -12.06
CA THR B 14 10.54 16.63 -12.76
C THR B 14 11.34 15.51 -12.10
N VAL B 15 11.11 14.27 -12.56
CA VAL B 15 11.87 13.15 -12.02
C VAL B 15 13.34 13.19 -12.42
N ARG B 16 13.73 14.08 -13.34
CA ARG B 16 15.14 14.27 -13.69
C ARG B 16 15.71 15.57 -13.12
N GLY B 17 14.96 16.27 -12.28
CA GLY B 17 15.41 17.54 -11.75
C GLY B 17 14.58 18.70 -12.28
N PRO B 18 15.00 19.93 -11.99
CA PRO B 18 14.22 21.09 -12.42
C PRO B 18 14.40 21.39 -13.91
N ILE B 19 13.31 21.83 -14.53
CA ILE B 19 13.33 22.28 -15.92
C ILE B 19 12.64 23.64 -15.98
N THR B 20 13.02 24.44 -16.96
CA THR B 20 12.35 25.72 -17.14
C THR B 20 10.96 25.53 -17.74
N ILE B 21 10.06 26.47 -17.43
CA ILE B 21 8.67 26.39 -17.88
C ILE B 21 8.60 26.16 -19.38
N SER B 22 9.43 26.87 -20.14
CA SER B 22 9.38 26.79 -21.59
C SER B 22 9.76 25.40 -22.11
N GLU B 23 10.58 24.67 -21.35
CA GLU B 23 11.00 23.33 -21.77
C GLU B 23 9.87 22.30 -21.68
N ALA B 24 8.80 22.61 -20.96
CA ALA B 24 7.76 21.61 -20.74
C ALA B 24 7.06 21.26 -22.04
N GLY B 25 6.80 22.26 -22.89
CA GLY B 25 6.15 22.02 -24.17
C GLY B 25 4.79 21.36 -24.04
N PHE B 26 4.43 20.61 -25.08
CA PHE B 26 3.19 19.82 -25.15
C PHE B 26 3.15 18.89 -23.94
N THR B 27 2.19 19.11 -23.04
CA THR B 27 2.13 18.41 -21.75
C THR B 27 0.80 17.69 -21.60
N LEU B 28 0.87 16.38 -21.33
CA LEU B 28 -0.30 15.60 -20.94
C LEU B 28 -0.42 15.65 -19.42
N THR B 29 -1.53 16.16 -18.92
CA THR B 29 -1.61 16.53 -17.50
C THR B 29 -2.16 15.43 -16.60
N HIS B 30 -2.62 14.30 -17.14
CA HIS B 30 -3.13 13.23 -16.28
C HIS B 30 -2.83 11.89 -16.94
N GLU B 31 -1.71 11.27 -16.54
CA GLU B 31 -1.26 10.00 -17.08
C GLU B 31 -0.69 9.14 -15.97
N HIS B 32 -0.39 7.89 -16.30
CA HIS B 32 0.28 6.98 -15.37
C HIS B 32 1.31 6.17 -16.13
N ILE B 33 2.49 5.97 -15.56
CA ILE B 33 3.34 4.92 -16.10
C ILE B 33 2.79 3.56 -15.70
N CYS B 34 2.45 3.39 -14.42
CA CYS B 34 1.94 2.11 -13.93
C CYS B 34 0.91 2.38 -12.84
N GLY B 35 -0.31 1.88 -13.04
CA GLY B 35 -1.36 1.99 -12.06
C GLY B 35 -1.36 0.76 -11.18
N SER B 36 -0.87 0.91 -9.94
CA SER B 36 -0.64 -0.26 -9.10
C SER B 36 -1.03 0.04 -7.67
N SER B 37 -0.32 -0.57 -6.72
CA SER B 37 -0.52 -0.35 -5.30
C SER B 37 0.87 -0.19 -4.67
N ALA B 38 0.91 0.48 -3.52
CA ALA B 38 2.19 0.71 -2.86
C ALA B 38 2.95 -0.60 -2.65
N GLY B 39 4.23 -0.60 -3.04
CA GLY B 39 5.12 -1.74 -2.89
C GLY B 39 4.87 -2.90 -3.82
N PHE B 40 3.83 -2.85 -4.64
CA PHE B 40 3.42 -4.02 -5.40
C PHE B 40 4.39 -4.33 -6.55
N LEU B 41 4.83 -3.30 -7.30
CA LEU B 41 5.75 -3.56 -8.40
C LEU B 41 7.05 -4.17 -7.89
N ARG B 42 7.50 -3.78 -6.71
CA ARG B 42 8.74 -4.34 -6.16
C ARG B 42 8.52 -5.74 -5.61
N ALA B 43 7.33 -6.02 -5.07
CA ALA B 43 7.08 -7.34 -4.49
C ALA B 43 6.70 -8.38 -5.52
N TRP B 44 6.08 -7.99 -6.63
CA TRP B 44 5.55 -8.98 -7.57
C TRP B 44 5.73 -8.46 -9.00
N PRO B 45 6.97 -8.21 -9.43
CA PRO B 45 7.16 -7.67 -10.78
C PRO B 45 6.72 -8.63 -11.88
N GLU B 46 6.68 -9.93 -11.60
CA GLU B 46 6.25 -10.90 -12.60
C GLU B 46 4.78 -10.73 -12.96
N PHE B 47 4.01 -10.02 -12.13
CA PHE B 47 2.64 -9.70 -12.53
C PHE B 47 2.61 -8.96 -13.85
N PHE B 48 3.64 -8.14 -14.11
CA PHE B 48 3.78 -7.36 -15.33
C PHE B 48 4.70 -8.04 -16.35
N GLY B 49 4.88 -9.35 -16.24
CA GLY B 49 5.91 -10.04 -16.99
C GLY B 49 7.23 -9.97 -16.27
N SER B 50 7.80 -8.78 -16.21
CA SER B 50 9.00 -8.50 -15.44
C SER B 50 9.09 -6.99 -15.35
N ARG B 51 9.90 -6.50 -14.40
CA ARG B 51 10.14 -5.07 -14.35
C ARG B 51 10.74 -4.58 -15.66
N ALA B 52 11.68 -5.34 -16.23
CA ALA B 52 12.32 -4.91 -17.47
C ALA B 52 11.33 -4.86 -18.63
N ALA B 53 10.37 -5.80 -18.66
CA ALA B 53 9.33 -5.75 -19.69
C ALA B 53 8.47 -4.51 -19.52
N LEU B 54 8.13 -4.16 -18.29
CA LEU B 54 7.33 -2.97 -18.06
C LEU B 54 8.11 -1.72 -18.48
N VAL B 55 9.39 -1.66 -18.12
CA VAL B 55 10.21 -0.51 -18.52
C VAL B 55 10.21 -0.37 -20.03
N GLU B 56 10.46 -1.47 -20.75
CA GLU B 56 10.55 -1.38 -22.21
C GLU B 56 9.22 -0.97 -22.82
N LYS B 57 8.12 -1.53 -22.30
CA LYS B 57 6.80 -1.16 -22.78
C LYS B 57 6.54 0.34 -22.59
N ALA B 58 6.90 0.87 -21.42
CA ALA B 58 6.67 2.28 -21.13
C ALA B 58 7.56 3.17 -21.99
N VAL B 59 8.82 2.77 -22.17
CA VAL B 59 9.73 3.56 -22.97
C VAL B 59 9.25 3.64 -24.42
N ARG B 60 8.82 2.49 -24.96
CA ARG B 60 8.28 2.51 -26.33
C ARG B 60 7.05 3.38 -26.41
N GLY B 61 6.17 3.31 -25.39
CA GLY B 61 4.97 4.10 -25.42
C GLY B 61 5.26 5.59 -25.34
N LEU B 62 6.22 5.97 -24.49
CA LEU B 62 6.56 7.39 -24.37
C LEU B 62 7.23 7.92 -25.62
N ARG B 63 8.09 7.10 -26.24
CA ARG B 63 8.70 7.48 -27.50
C ARG B 63 7.65 7.70 -28.60
N ARG B 64 6.60 6.87 -28.61
CA ARG B 64 5.52 7.08 -29.55
C ARG B 64 4.82 8.41 -29.30
N ALA B 65 4.53 8.72 -28.03
CA ALA B 65 3.95 10.01 -27.70
C ALA B 65 4.89 11.16 -28.07
N ARG B 66 6.19 10.97 -27.85
CA ARG B 66 7.15 12.02 -28.16
C ARG B 66 7.22 12.29 -29.66
N ALA B 67 7.21 11.24 -30.47
CA ALA B 67 7.22 11.44 -31.91
C ALA B 67 5.97 12.19 -32.36
N ALA B 68 4.87 12.02 -31.64
CA ALA B 68 3.62 12.72 -31.94
C ALA B 68 3.60 14.14 -31.39
N GLY B 69 4.63 14.57 -30.66
CA GLY B 69 4.75 15.95 -30.22
C GLY B 69 4.76 16.14 -28.72
N VAL B 70 4.45 15.10 -27.93
CA VAL B 70 4.42 15.25 -26.48
C VAL B 70 5.83 15.43 -25.95
N ARG B 71 6.00 16.35 -25.01
CA ARG B 71 7.30 16.58 -24.42
C ARG B 71 7.33 16.31 -22.93
N THR B 72 6.18 16.36 -22.27
CA THR B 72 6.07 16.21 -20.82
C THR B 72 4.79 15.45 -20.49
N ILE B 73 4.84 14.56 -19.49
CA ILE B 73 3.61 14.02 -18.93
C ILE B 73 3.63 14.25 -17.44
N VAL B 74 2.44 14.40 -16.88
CA VAL B 74 2.25 14.45 -15.43
C VAL B 74 1.74 13.09 -15.01
N ASP B 75 2.55 12.36 -14.25
CA ASP B 75 2.16 11.07 -13.69
C ASP B 75 1.45 11.34 -12.37
N VAL B 76 0.14 11.15 -12.36
CA VAL B 76 -0.66 11.52 -11.20
C VAL B 76 -0.89 10.30 -10.30
N SER B 77 -0.02 9.29 -10.42
CA SER B 77 -0.01 8.16 -9.48
C SER B 77 0.52 8.63 -8.13
N THR B 78 -0.27 8.41 -7.09
CA THR B 78 0.16 8.67 -5.72
C THR B 78 0.83 7.46 -5.10
N PHE B 79 1.29 7.65 -3.86
CA PHE B 79 1.78 6.55 -3.03
C PHE B 79 0.88 5.31 -3.09
N ASP B 80 -0.43 5.48 -2.86
CA ASP B 80 -1.30 4.31 -2.78
C ASP B 80 -1.74 3.80 -4.14
N ALA B 81 -1.45 4.52 -5.22
CA ALA B 81 -1.58 3.98 -6.56
C ALA B 81 -0.30 3.34 -7.04
N GLY B 82 0.63 3.09 -6.14
CA GLY B 82 1.83 2.37 -6.49
C GLY B 82 2.87 3.15 -7.25
N ARG B 83 2.85 4.47 -7.18
CA ARG B 83 3.91 5.28 -7.75
C ARG B 83 5.28 4.72 -7.36
N ASP B 84 6.11 4.48 -8.37
CA ASP B 84 7.51 4.05 -8.18
C ASP B 84 8.35 5.10 -8.89
N VAL B 85 8.82 6.11 -8.16
CA VAL B 85 9.48 7.22 -8.86
C VAL B 85 10.79 6.78 -9.48
N SER B 86 11.41 5.71 -8.99
CA SER B 86 12.60 5.19 -9.64
C SER B 86 12.27 4.64 -11.02
N LEU B 87 11.10 4.02 -11.16
CA LEU B 87 10.63 3.60 -12.47
C LEU B 87 10.40 4.80 -13.38
N LEU B 88 9.71 5.82 -12.85
CA LEU B 88 9.46 7.03 -13.63
C LEU B 88 10.77 7.65 -14.10
N ALA B 89 11.77 7.74 -13.21
CA ALA B 89 13.04 8.35 -13.60
C ALA B 89 13.73 7.54 -14.68
N GLU B 90 13.71 6.21 -14.58
CA GLU B 90 14.33 5.36 -15.59
C GLU B 90 13.66 5.53 -16.94
N VAL B 91 12.32 5.49 -16.97
CA VAL B 91 11.66 5.59 -18.26
C VAL B 91 11.75 7.02 -18.82
N SER B 92 11.77 8.03 -17.96
CA SER B 92 11.91 9.41 -18.45
C SER B 92 13.25 9.59 -19.15
N ARG B 93 14.32 9.09 -18.54
CA ARG B 93 15.64 9.21 -19.14
C ARG B 93 15.72 8.45 -20.47
N ALA B 94 15.21 7.23 -20.50
CA ALA B 94 15.33 6.42 -21.71
C ALA B 94 14.51 7.00 -22.86
N ALA B 95 13.34 7.54 -22.57
CA ALA B 95 12.47 8.08 -23.62
C ALA B 95 12.71 9.56 -23.90
N ASP B 96 13.45 10.26 -23.04
CA ASP B 96 13.62 11.72 -23.13
C ASP B 96 12.27 12.44 -23.18
N VAL B 97 11.41 12.08 -22.24
CA VAL B 97 10.12 12.73 -22.03
C VAL B 97 10.12 13.18 -20.58
N HIS B 98 9.86 14.46 -20.34
CA HIS B 98 9.80 14.94 -18.95
C HIS B 98 8.62 14.30 -18.24
N ILE B 99 8.83 13.91 -16.97
CA ILE B 99 7.74 13.38 -16.15
C ILE B 99 7.68 14.17 -14.85
N VAL B 100 6.53 14.73 -14.55
CA VAL B 100 6.26 15.34 -13.25
C VAL B 100 5.63 14.29 -12.35
N ALA B 101 6.17 14.13 -11.14
CA ALA B 101 5.63 13.18 -10.18
C ALA B 101 4.64 13.86 -9.24
N ALA B 102 3.80 13.02 -8.62
CA ALA B 102 2.70 13.48 -7.76
C ALA B 102 2.89 13.02 -6.31
N THR B 103 2.40 13.84 -5.40
CA THR B 103 2.05 13.39 -4.05
C THR B 103 0.53 13.39 -3.92
N GLY B 104 0.04 13.24 -2.69
CA GLY B 104 -1.38 13.14 -2.43
C GLY B 104 -1.78 11.72 -2.06
N LEU B 105 -3.10 11.48 -2.08
CA LEU B 105 -3.63 10.14 -1.86
C LEU B 105 -4.81 9.91 -2.80
N TRP B 106 -4.90 8.68 -3.31
CA TRP B 106 -5.92 8.29 -4.27
C TRP B 106 -7.00 7.48 -3.54
N GLU B 107 -7.59 6.47 -4.16
CA GLU B 107 -8.77 5.82 -3.60
C GLU B 107 -8.45 4.56 -2.78
N ASP B 108 -7.17 4.25 -2.57
CA ASP B 108 -6.81 3.01 -1.87
C ASP B 108 -5.78 3.23 -0.77
N PRO B 109 -6.00 4.20 0.12
CA PRO B 109 -5.01 4.44 1.18
C PRO B 109 -4.98 3.27 2.15
N PRO B 110 -3.78 2.88 2.57
CA PRO B 110 -3.66 1.84 3.60
C PRO B 110 -4.00 2.40 4.97
N LEU B 111 -4.07 1.49 5.94
CA LEU B 111 -4.35 1.89 7.32
C LEU B 111 -3.39 2.95 7.82
N SER B 112 -2.10 2.84 7.47
CA SER B 112 -1.13 3.80 7.97
C SER B 112 -1.37 5.22 7.47
N MET B 113 -2.15 5.38 6.40
CA MET B 113 -2.62 6.69 5.96
C MET B 113 -4.02 7.01 6.47
N ARG B 114 -4.93 6.04 6.46
CA ARG B 114 -6.31 6.26 6.86
C ARG B 114 -6.44 6.75 8.30
N LEU B 115 -5.47 6.42 9.14
CA LEU B 115 -5.50 6.77 10.56
C LEU B 115 -4.90 8.15 10.85
N ARG B 116 -4.39 8.83 9.84
CA ARG B 116 -3.65 10.07 10.06
C ARG B 116 -4.56 11.28 10.10
N SER B 117 -4.11 12.29 10.83
CA SER B 117 -4.82 13.56 10.98
C SER B 117 -4.55 14.45 9.77
N VAL B 118 -5.35 15.50 9.64
CA VAL B 118 -5.11 16.48 8.57
C VAL B 118 -3.72 17.08 8.69
N GLU B 119 -3.27 17.33 9.92
CA GLU B 119 -1.93 17.90 10.10
C GLU B 119 -0.85 16.91 9.67
N GLU B 120 -1.04 15.62 10.00
CA GLU B 120 -0.06 14.61 9.61
C GLU B 120 -0.01 14.45 8.10
N LEU B 121 -1.19 14.37 7.46
CA LEU B 121 -1.24 14.28 6.01
C LEU B 121 -0.60 15.50 5.35
N THR B 122 -0.84 16.69 5.92
CA THR B 122 -0.18 17.88 5.39
C THR B 122 1.34 17.71 5.42
N GLN B 123 1.86 17.17 6.52
CA GLN B 123 3.31 16.99 6.63
C GLN B 123 3.83 15.96 5.63
N PHE B 124 3.06 14.91 5.35
CA PHE B 124 3.50 13.92 4.37
C PHE B 124 3.55 14.53 2.98
N PHE B 125 2.51 15.25 2.58
CA PHE B 125 2.52 15.87 1.26
C PHE B 125 3.67 16.86 1.14
N LEU B 126 3.90 17.65 2.20
CA LEU B 126 5.01 18.61 2.18
C LEU B 126 6.35 17.90 2.08
N ARG B 127 6.49 16.76 2.76
CA ARG B 127 7.73 15.98 2.67
C ARG B 127 8.03 15.63 1.21
N GLU B 128 7.02 15.16 0.48
CA GLU B 128 7.26 14.70 -0.89
C GLU B 128 7.48 15.86 -1.85
N ILE B 129 6.98 17.05 -1.53
CA ILE B 129 7.19 18.25 -2.37
C ILE B 129 8.51 18.95 -2.03
N GLN B 130 8.82 19.11 -0.74
CA GLN B 130 9.92 19.95 -0.30
C GLN B 130 11.21 19.18 -0.04
N TYR B 131 11.13 17.92 0.35
CA TYR B 131 12.31 17.12 0.62
C TYR B 131 12.58 16.11 -0.48
N GLY B 132 11.57 15.36 -0.89
CA GLY B 132 11.73 14.37 -1.93
C GLY B 132 10.91 13.13 -1.64
N ILE B 133 10.77 12.30 -2.66
CA ILE B 133 10.01 11.06 -2.57
C ILE B 133 10.93 9.91 -2.17
N GLU B 134 10.57 9.20 -1.11
CA GLU B 134 11.39 8.11 -0.55
C GLU B 134 12.80 8.66 -0.34
N ASP B 135 13.85 7.95 -0.76
CA ASP B 135 15.23 8.40 -0.64
C ASP B 135 15.80 8.85 -1.97
N THR B 136 14.96 9.25 -2.91
CA THR B 136 15.43 9.53 -4.26
C THR B 136 15.81 10.98 -4.49
N GLY B 137 15.36 11.91 -3.65
CA GLY B 137 15.55 13.31 -3.92
C GLY B 137 14.62 13.90 -4.96
N ILE B 138 13.76 13.09 -5.57
CA ILE B 138 12.83 13.59 -6.59
C ILE B 138 11.65 14.24 -5.90
N ARG B 139 11.35 15.48 -6.27
CA ARG B 139 10.31 16.24 -5.61
C ARG B 139 9.03 16.25 -6.45
N ALA B 140 7.90 16.06 -5.77
CA ALA B 140 6.61 16.08 -6.44
C ALA B 140 6.30 17.49 -6.94
N GLY B 141 5.69 17.57 -8.11
CA GLY B 141 5.27 18.83 -8.69
C GLY B 141 3.77 19.03 -8.76
N ILE B 142 2.98 18.13 -8.17
CA ILE B 142 1.54 18.26 -8.17
C ILE B 142 1.01 17.41 -7.02
N ILE B 143 -0.18 17.76 -6.52
CA ILE B 143 -0.85 17.01 -5.46
C ILE B 143 -2.13 16.42 -6.03
N LYS B 144 -2.30 15.11 -5.87
CA LYS B 144 -3.45 14.36 -6.38
C LYS B 144 -4.37 13.95 -5.23
N VAL B 145 -5.67 14.15 -5.39
CA VAL B 145 -6.68 13.78 -4.40
C VAL B 145 -7.87 13.15 -5.11
N ALA B 146 -8.78 12.57 -4.32
CA ALA B 146 -9.83 11.78 -4.95
C ALA B 146 -11.10 11.72 -4.11
N THR B 147 -12.25 11.78 -4.77
CA THR B 147 -13.52 11.37 -4.20
C THR B 147 -14.23 10.49 -5.22
N GLN B 148 -15.16 9.66 -4.72
CA GLN B 148 -16.00 8.81 -5.56
C GLN B 148 -17.45 8.93 -5.08
N GLY B 149 -18.05 10.08 -5.36
CA GLY B 149 -19.29 10.47 -4.71
C GLY B 149 -19.04 11.40 -3.55
N LYS B 150 -20.05 11.54 -2.70
CA LYS B 150 -19.92 12.35 -1.49
C LYS B 150 -18.69 11.90 -0.70
N ALA B 151 -17.88 12.86 -0.29
CA ALA B 151 -16.59 12.57 0.32
C ALA B 151 -16.77 11.83 1.64
N THR B 152 -15.93 10.84 1.89
CA THR B 152 -15.87 10.30 3.23
C THR B 152 -15.22 11.34 4.14
N PRO B 153 -15.36 11.17 5.46
CA PRO B 153 -14.61 12.05 6.38
C PRO B 153 -13.13 12.04 6.12
N PHE B 154 -12.55 10.88 5.81
CA PHE B 154 -11.12 10.86 5.50
C PHE B 154 -10.81 11.61 4.22
N GLN B 155 -11.65 11.44 3.19
CA GLN B 155 -11.40 12.15 1.95
C GLN B 155 -11.44 13.66 2.17
N GLU B 156 -12.32 14.14 3.05
CA GLU B 156 -12.32 15.56 3.40
C GLU B 156 -10.98 15.97 3.99
N LEU B 157 -10.43 15.18 4.91
CA LEU B 157 -9.12 15.52 5.47
C LEU B 157 -8.06 15.59 4.38
N VAL B 158 -8.10 14.65 3.43
CA VAL B 158 -7.11 14.65 2.36
C VAL B 158 -7.22 15.92 1.53
N LEU B 159 -8.45 16.32 1.19
CA LEU B 159 -8.65 17.54 0.40
C LEU B 159 -8.10 18.76 1.13
N ARG B 160 -8.34 18.84 2.45
CA ARG B 160 -7.85 19.98 3.20
C ARG B 160 -6.32 19.96 3.31
N ALA B 161 -5.74 18.78 3.54
CA ALA B 161 -4.29 18.68 3.61
C ALA B 161 -3.66 19.03 2.27
N ALA B 162 -4.30 18.62 1.16
CA ALA B 162 -3.81 18.98 -0.16
C ALA B 162 -3.82 20.49 -0.35
N ALA B 163 -4.91 21.14 0.04
CA ALA B 163 -5.01 22.59 -0.09
C ALA B 163 -3.95 23.28 0.73
N ARG B 164 -3.71 22.79 1.95
CA ARG B 164 -2.70 23.43 2.79
C ARG B 164 -1.30 23.23 2.23
N ALA B 165 -1.01 22.04 1.70
CA ALA B 165 0.29 21.81 1.07
C ALA B 165 0.47 22.69 -0.16
N SER B 166 -0.60 22.86 -0.95
CA SER B 166 -0.54 23.69 -2.15
C SER B 166 -0.24 25.15 -1.79
N LEU B 167 -0.96 25.68 -0.81
CA LEU B 167 -0.73 27.06 -0.40
C LEU B 167 0.70 27.25 0.09
N ALA B 168 1.25 26.24 0.78
CA ALA B 168 2.58 26.35 1.36
C ALA B 168 3.69 26.11 0.34
N THR B 169 3.39 25.53 -0.81
CA THR B 169 4.46 25.22 -1.75
C THR B 169 4.29 25.85 -3.11
N GLY B 170 3.08 26.27 -3.46
CA GLY B 170 2.80 26.77 -4.78
C GLY B 170 2.46 25.70 -5.82
N VAL B 171 2.58 24.42 -5.48
CA VAL B 171 2.31 23.39 -6.49
C VAL B 171 0.80 23.20 -6.61
N PRO B 172 0.29 22.84 -7.78
CA PRO B 172 -1.15 22.75 -7.98
C PRO B 172 -1.74 21.44 -7.47
N VAL B 173 -3.07 21.40 -7.49
CA VAL B 173 -3.85 20.26 -7.03
C VAL B 173 -4.66 19.71 -8.20
N THR B 174 -4.73 18.39 -8.32
CA THR B 174 -5.52 17.77 -9.37
C THR B 174 -6.35 16.65 -8.75
N THR B 175 -7.56 16.42 -9.27
CA THR B 175 -8.48 15.55 -8.57
C THR B 175 -9.03 14.45 -9.46
N HIS B 176 -9.39 13.36 -8.79
CA HIS B 176 -10.21 12.30 -9.33
C HIS B 176 -11.65 12.54 -8.89
N THR B 177 -12.60 12.48 -9.83
CA THR B 177 -14.02 12.61 -9.50
C THR B 177 -14.82 11.41 -10.03
N PHE B 178 -16.02 11.27 -9.44
CA PHE B 178 -17.17 10.57 -10.03
C PHE B 178 -18.02 11.67 -10.66
N ALA B 179 -17.75 11.97 -11.93
CA ALA B 179 -18.25 13.21 -12.53
C ALA B 179 -19.77 13.25 -12.60
N SER B 180 -20.42 12.11 -12.81
CA SER B 180 -21.87 12.09 -12.92
C SER B 180 -22.57 12.32 -11.58
N GLN B 181 -21.83 12.27 -10.48
CA GLN B 181 -22.32 12.68 -9.17
C GLN B 181 -21.92 14.10 -8.81
N ARG B 182 -21.32 14.84 -9.76
CA ARG B 182 -20.97 16.24 -9.60
C ARG B 182 -19.99 16.46 -8.44
N ASP B 183 -19.05 15.52 -8.28
CA ASP B 183 -18.08 15.56 -7.18
C ASP B 183 -17.32 16.88 -7.13
N GLY B 184 -17.04 17.48 -8.28
CA GLY B 184 -16.25 18.70 -8.31
C GLY B 184 -16.84 19.81 -7.47
N GLU B 185 -18.16 19.81 -7.29
CA GLU B 185 -18.80 20.89 -6.53
C GLU B 185 -18.41 20.80 -5.05
N GLN B 186 -18.46 19.60 -4.47
CA GLN B 186 -18.03 19.47 -3.08
C GLN B 186 -16.54 19.71 -2.93
N GLN B 187 -15.73 19.21 -3.88
CA GLN B 187 -14.29 19.44 -3.82
C GLN B 187 -13.99 20.93 -3.82
N ALA B 188 -14.61 21.67 -4.74
CA ALA B 188 -14.44 23.12 -4.81
C ALA B 188 -14.81 23.80 -3.49
N ALA B 189 -15.93 23.40 -2.89
CA ALA B 189 -16.34 24.02 -1.64
C ALA B 189 -15.30 23.83 -0.56
N ILE B 190 -14.74 22.63 -0.44
CA ILE B 190 -13.71 22.36 0.55
C ILE B 190 -12.46 23.16 0.24
N PHE B 191 -12.01 23.13 -1.02
CA PHE B 191 -10.83 23.89 -1.41
C PHE B 191 -11.00 25.38 -1.12
N GLU B 192 -12.17 25.94 -1.41
CA GLU B 192 -12.37 27.36 -1.19
C GLU B 192 -12.44 27.70 0.30
N SER B 193 -12.96 26.78 1.12
CA SER B 193 -12.92 27.02 2.57
C SER B 193 -11.51 27.06 3.12
N GLU B 194 -10.54 26.45 2.43
CA GLU B 194 -9.14 26.52 2.81
C GLU B 194 -8.40 27.68 2.17
N GLY B 195 -9.09 28.46 1.31
CA GLY B 195 -8.46 29.62 0.70
C GLY B 195 -7.64 29.32 -0.53
N LEU B 196 -7.83 28.16 -1.15
CA LEU B 196 -7.08 27.81 -2.34
C LEU B 196 -7.73 28.46 -3.56
N SER B 197 -6.89 28.97 -4.47
CA SER B 197 -7.41 29.60 -5.68
C SER B 197 -7.88 28.55 -6.67
N PRO B 198 -9.07 28.69 -7.25
CA PRO B 198 -9.53 27.71 -8.25
C PRO B 198 -8.57 27.53 -9.41
N SER B 199 -7.82 28.57 -9.79
CA SER B 199 -6.88 28.45 -10.91
C SER B 199 -5.74 27.48 -10.61
N ARG B 200 -5.64 27.01 -9.37
CA ARG B 200 -4.62 26.05 -8.99
C ARG B 200 -5.18 24.65 -8.81
N VAL B 201 -6.42 24.42 -9.25
CA VAL B 201 -7.14 23.15 -9.05
C VAL B 201 -7.69 22.67 -10.37
N CYS B 202 -7.34 21.44 -10.76
CA CYS B 202 -7.96 20.77 -11.90
C CYS B 202 -8.94 19.73 -11.38
N ILE B 203 -10.19 19.84 -11.82
CA ILE B 203 -11.24 18.89 -11.47
C ILE B 203 -11.21 17.80 -12.56
N GLY B 204 -10.72 16.61 -12.18
CA GLY B 204 -10.39 15.60 -13.17
C GLY B 204 -11.53 14.64 -13.48
N HIS B 205 -11.29 13.83 -14.52
CA HIS B 205 -12.28 12.89 -15.07
C HIS B 205 -13.59 13.59 -15.42
N SER B 206 -13.50 14.87 -15.80
CA SER B 206 -14.70 15.63 -16.08
C SER B 206 -15.32 15.26 -17.42
N ASP B 207 -14.60 14.54 -18.28
CA ASP B 207 -15.19 14.07 -19.52
C ASP B 207 -16.03 12.81 -19.32
N ASP B 208 -16.14 12.31 -18.10
CA ASP B 208 -17.00 11.17 -17.82
C ASP B 208 -18.47 11.55 -17.78
N THR B 209 -18.80 12.83 -17.82
CA THR B 209 -20.18 13.29 -17.75
C THR B 209 -20.53 14.06 -19.01
N ASP B 210 -21.81 14.03 -19.35
CA ASP B 210 -22.33 14.85 -20.44
C ASP B 210 -23.01 16.12 -19.93
N ASP B 211 -22.99 16.37 -18.63
CA ASP B 211 -23.68 17.52 -18.02
C ASP B 211 -22.81 18.76 -18.18
N LEU B 212 -23.05 19.49 -19.26
CA LEU B 212 -22.25 20.66 -19.59
C LEU B 212 -22.46 21.79 -18.59
N SER B 213 -23.67 21.90 -18.02
CA SER B 213 -23.92 22.99 -17.07
C SER B 213 -23.08 22.82 -15.81
N TYR B 214 -22.87 21.57 -15.38
CA TYR B 214 -21.98 21.28 -14.26
C TYR B 214 -20.56 21.73 -14.57
N LEU B 215 -20.07 21.43 -15.79
CA LEU B 215 -18.70 21.77 -16.16
C LEU B 215 -18.51 23.27 -16.35
N THR B 216 -19.43 23.92 -17.08
CA THR B 216 -19.26 25.35 -17.33
C THR B 216 -19.39 26.16 -16.04
N ALA B 217 -20.23 25.72 -15.10
CA ALA B 217 -20.32 26.42 -13.82
C ALA B 217 -19.00 26.38 -13.07
N LEU B 218 -18.32 25.22 -13.07
CA LEU B 218 -17.01 25.15 -12.42
C LEU B 218 -15.98 25.97 -13.17
N ALA B 219 -16.00 25.91 -14.51
CA ALA B 219 -15.02 26.68 -15.29
C ALA B 219 -15.22 28.18 -15.09
N ALA B 220 -16.48 28.62 -15.00
CA ALA B 220 -16.77 30.04 -14.79
C ALA B 220 -16.20 30.53 -13.46
N ARG B 221 -16.06 29.64 -12.48
CA ARG B 221 -15.47 29.98 -11.20
C ARG B 221 -13.94 29.98 -11.21
N GLY B 222 -13.31 29.64 -12.33
CA GLY B 222 -11.87 29.64 -12.44
C GLY B 222 -11.22 28.28 -12.29
N TYR B 223 -12.00 27.23 -12.07
CA TYR B 223 -11.46 25.89 -11.98
C TYR B 223 -10.97 25.43 -13.34
N LEU B 224 -9.95 24.59 -13.33
CA LEU B 224 -9.54 23.89 -14.54
C LEU B 224 -10.35 22.60 -14.67
N ILE B 225 -10.76 22.30 -15.89
CA ILE B 225 -11.63 21.17 -16.20
C ILE B 225 -10.79 20.11 -16.88
N GLY B 226 -10.59 18.98 -16.20
CA GLY B 226 -9.74 17.93 -16.73
C GLY B 226 -10.49 16.98 -17.62
N LEU B 227 -10.37 17.14 -18.93
CA LEU B 227 -10.99 16.23 -19.88
C LEU B 227 -9.90 15.22 -20.24
N ASP B 228 -9.74 14.24 -19.37
CA ASP B 228 -8.49 13.50 -19.29
C ASP B 228 -8.62 12.03 -19.63
N GLY B 229 -9.78 11.56 -20.08
CA GLY B 229 -9.92 10.16 -20.40
C GLY B 229 -10.44 9.93 -21.80
N ILE B 230 -10.03 10.78 -22.74
CA ILE B 230 -10.67 10.80 -24.06
C ILE B 230 -10.72 9.42 -24.71
N PRO B 231 -9.66 8.60 -24.73
CA PRO B 231 -9.75 7.31 -25.42
C PRO B 231 -10.44 6.21 -24.62
N HIS B 232 -10.93 6.48 -23.41
CA HIS B 232 -11.56 5.44 -22.60
C HIS B 232 -12.95 5.12 -23.14
N SER B 233 -13.10 3.96 -23.76
CA SER B 233 -14.41 3.55 -24.26
C SER B 233 -14.41 2.04 -24.42
N ALA B 234 -15.53 1.42 -24.05
CA ALA B 234 -15.73 -0.02 -24.20
C ALA B 234 -16.61 -0.34 -25.40
N ILE B 235 -16.76 0.59 -26.32
CA ILE B 235 -17.48 0.29 -27.55
C ILE B 235 -16.75 -0.83 -28.27
N GLY B 236 -17.50 -1.86 -28.69
CA GLY B 236 -16.92 -3.05 -29.26
C GLY B 236 -16.55 -4.10 -28.24
N LEU B 237 -16.61 -3.77 -26.94
CA LEU B 237 -16.30 -4.70 -25.87
C LEU B 237 -17.51 -4.95 -24.99
N GLU B 238 -18.71 -4.92 -25.57
CA GLU B 238 -19.93 -4.99 -24.79
C GLU B 238 -20.09 -6.33 -24.06
N ASP B 239 -19.45 -7.39 -24.52
CA ASP B 239 -19.55 -8.67 -23.84
C ASP B 239 -18.52 -8.82 -22.73
N ASN B 240 -17.77 -7.76 -22.44
CA ASN B 240 -16.73 -7.78 -21.41
C ASN B 240 -17.20 -6.86 -20.30
N ALA B 241 -17.73 -7.43 -19.22
CA ALA B 241 -18.36 -6.61 -18.20
C ALA B 241 -17.34 -5.76 -17.44
N SER B 242 -16.15 -6.32 -17.18
CA SER B 242 -15.16 -5.54 -16.42
C SER B 242 -14.65 -4.36 -17.25
N ALA B 243 -14.39 -4.58 -18.54
CA ALA B 243 -13.96 -3.47 -19.39
C ALA B 243 -15.08 -2.44 -19.56
N SER B 244 -16.31 -2.91 -19.72
CA SER B 244 -17.43 -1.98 -19.84
C SER B 244 -17.60 -1.14 -18.59
N ALA B 245 -17.47 -1.74 -17.41
CA ALA B 245 -17.65 -1.00 -16.16
C ALA B 245 -16.56 0.06 -15.98
N LEU B 246 -15.34 -0.25 -16.41
CA LEU B 246 -14.23 0.68 -16.22
C LEU B 246 -14.26 1.80 -17.26
N LEU B 247 -14.41 1.44 -18.54
CA LEU B 247 -14.17 2.38 -19.62
C LEU B 247 -15.44 3.11 -20.07
N GLY B 248 -16.62 2.58 -19.76
CA GLY B 248 -17.87 3.23 -20.11
C GLY B 248 -18.29 2.93 -21.53
N ASN B 249 -19.53 3.31 -21.83
CA ASN B 249 -20.18 3.07 -23.12
C ASN B 249 -20.17 4.29 -24.04
N ARG B 250 -19.59 5.40 -23.60
CA ARG B 250 -19.52 6.60 -24.41
C ARG B 250 -18.28 6.60 -25.28
N SER B 251 -18.44 7.07 -26.52
CA SER B 251 -17.38 7.03 -27.49
C SER B 251 -16.31 8.08 -27.19
N TRP B 252 -15.11 7.85 -27.72
CA TRP B 252 -14.08 8.88 -27.60
C TRP B 252 -14.50 10.16 -28.31
N GLN B 253 -15.28 10.05 -29.40
CA GLN B 253 -15.77 11.25 -30.09
C GLN B 253 -16.65 12.08 -29.18
N THR B 254 -17.55 11.42 -28.44
CA THR B 254 -18.41 12.13 -27.49
C THR B 254 -17.58 12.84 -26.44
N ARG B 255 -16.54 12.20 -25.93
CA ARG B 255 -15.67 12.85 -24.97
C ARG B 255 -14.93 14.02 -25.61
N ALA B 256 -14.40 13.82 -26.82
CA ALA B 256 -13.64 14.88 -27.47
C ALA B 256 -14.53 16.06 -27.83
N LEU B 257 -15.81 15.82 -28.13
CA LEU B 257 -16.70 16.95 -28.45
C LEU B 257 -17.03 17.79 -27.22
N LEU B 258 -16.81 17.28 -26.00
CA LEU B 258 -16.87 18.15 -24.83
C LEU B 258 -15.76 19.18 -24.84
N ILE B 259 -14.60 18.84 -25.38
CA ILE B 259 -13.54 19.83 -25.52
C ILE B 259 -14.02 20.97 -26.41
N LYS B 260 -14.61 20.62 -27.55
CA LYS B 260 -15.11 21.65 -28.46
C LYS B 260 -16.23 22.46 -27.83
N ALA B 261 -17.12 21.79 -27.08
CA ALA B 261 -18.23 22.49 -26.46
C ALA B 261 -17.75 23.53 -25.46
N LEU B 262 -16.75 23.19 -24.65
CA LEU B 262 -16.22 24.16 -23.70
C LEU B 262 -15.50 25.30 -24.42
N ILE B 263 -14.78 24.98 -25.51
CA ILE B 263 -14.18 26.03 -26.33
C ILE B 263 -15.25 26.94 -26.88
N ASP B 264 -16.31 26.35 -27.43
CA ASP B 264 -17.37 27.14 -28.07
C ASP B 264 -18.08 28.04 -27.07
N GLN B 265 -18.12 27.66 -25.80
CA GLN B 265 -18.78 28.46 -24.78
C GLN B 265 -17.84 29.46 -24.12
N GLY B 266 -16.59 29.53 -24.56
CA GLY B 266 -15.66 30.54 -24.10
C GLY B 266 -14.69 30.12 -23.03
N TYR B 267 -14.60 28.83 -22.72
CA TYR B 267 -13.81 28.34 -21.59
C TYR B 267 -12.49 27.68 -22.00
N MET B 268 -11.94 28.03 -23.17
CA MET B 268 -10.69 27.43 -23.62
C MET B 268 -9.60 27.50 -22.56
N LYS B 269 -9.49 28.64 -21.86
CA LYS B 269 -8.39 28.82 -20.92
C LYS B 269 -8.50 27.92 -19.69
N GLN B 270 -9.66 27.30 -19.48
CA GLN B 270 -9.91 26.45 -18.33
C GLN B 270 -9.76 24.96 -18.62
N ILE B 271 -9.42 24.58 -19.87
CA ILE B 271 -9.39 23.18 -20.28
C ILE B 271 -8.00 22.60 -20.10
N LEU B 272 -7.92 21.38 -19.56
CA LEU B 272 -6.73 20.54 -19.68
C LEU B 272 -7.16 19.20 -20.28
N VAL B 273 -6.37 18.65 -21.19
CA VAL B 273 -6.72 17.39 -21.86
C VAL B 273 -5.63 16.36 -21.62
N SER B 274 -6.03 15.09 -21.56
CA SER B 274 -5.06 14.03 -21.40
C SER B 274 -5.74 12.72 -21.81
N ASN B 275 -4.98 11.61 -21.72
CA ASN B 275 -5.47 10.28 -22.07
C ASN B 275 -5.85 9.44 -20.86
N ASP B 276 -5.27 9.73 -19.69
CA ASP B 276 -5.35 8.85 -18.52
C ASP B 276 -4.98 7.42 -18.89
N TRP B 277 -3.86 7.30 -19.61
CA TRP B 277 -3.37 6.00 -20.03
C TRP B 277 -2.36 5.45 -19.03
N LEU B 278 -1.97 4.20 -19.24
CA LEU B 278 -0.96 3.55 -18.40
C LEU B 278 -0.30 2.46 -19.22
N PHE B 279 0.86 2.00 -18.75
CA PHE B 279 1.57 0.89 -19.39
C PHE B 279 1.55 -0.38 -18.56
N GLY B 280 1.23 -0.29 -17.27
CA GLY B 280 0.89 -1.44 -16.48
C GLY B 280 -0.29 -1.08 -15.58
N PHE B 281 -1.04 -2.11 -15.17
CA PHE B 281 -2.31 -1.86 -14.49
C PHE B 281 -2.60 -3.10 -13.65
N SER B 282 -2.35 -3.02 -12.34
CA SER B 282 -2.58 -4.16 -11.46
C SER B 282 -3.75 -3.97 -10.50
N SER B 283 -4.27 -2.76 -10.34
CA SER B 283 -5.29 -2.51 -9.32
C SER B 283 -6.70 -2.80 -9.82
N TYR B 284 -6.86 -3.51 -10.94
CA TYR B 284 -8.15 -3.93 -11.44
C TYR B 284 -8.03 -5.39 -11.88
N VAL B 285 -8.88 -5.83 -12.83
CA VAL B 285 -8.86 -7.23 -13.22
C VAL B 285 -7.58 -7.55 -14.01
N THR B 286 -7.24 -8.83 -14.07
CA THR B 286 -5.92 -9.22 -14.55
C THR B 286 -5.72 -8.88 -16.02
N ASN B 287 -6.72 -9.07 -16.85
CA ASN B 287 -6.44 -8.88 -18.28
C ASN B 287 -6.56 -7.43 -18.75
N ILE B 288 -6.74 -6.45 -17.85
CA ILE B 288 -7.31 -5.17 -18.29
C ILE B 288 -6.35 -4.40 -19.20
N MET B 289 -5.04 -4.47 -18.94
CA MET B 289 -4.11 -3.68 -19.76
C MET B 289 -4.11 -4.16 -21.21
N ASP B 290 -4.15 -5.48 -21.42
CA ASP B 290 -4.20 -6.01 -22.78
C ASP B 290 -5.49 -5.61 -23.49
N VAL B 291 -6.60 -5.61 -22.75
CA VAL B 291 -7.89 -5.19 -23.32
C VAL B 291 -7.81 -3.71 -23.71
N MET B 292 -7.34 -2.86 -22.80
CA MET B 292 -7.24 -1.44 -23.10
C MET B 292 -6.30 -1.20 -24.28
N ASP B 293 -5.18 -1.91 -24.33
CA ASP B 293 -4.25 -1.72 -25.43
C ASP B 293 -4.87 -2.13 -26.77
N SER B 294 -5.82 -3.06 -26.73
CA SER B 294 -6.40 -3.55 -27.98
C SER B 294 -7.34 -2.53 -28.60
N VAL B 295 -7.92 -1.61 -27.82
CA VAL B 295 -8.78 -0.61 -28.42
C VAL B 295 -8.09 0.75 -28.56
N ASN B 296 -6.99 1.00 -27.84
CA ASN B 296 -6.16 2.20 -28.06
C ASN B 296 -4.68 1.85 -28.14
N PRO B 297 -4.23 1.32 -29.28
CA PRO B 297 -2.80 1.05 -29.44
C PRO B 297 -1.93 2.29 -29.43
N ASP B 298 -2.50 3.46 -29.74
CA ASP B 298 -1.75 4.70 -29.71
C ASP B 298 -1.36 5.11 -28.29
N GLY B 299 -2.04 4.56 -27.28
CA GLY B 299 -1.66 4.86 -25.90
C GLY B 299 -1.74 6.34 -25.61
N MET B 300 -0.64 6.87 -25.04
CA MET B 300 -0.55 8.29 -24.72
C MET B 300 -0.45 9.19 -25.95
N ALA B 301 -0.19 8.62 -27.13
CA ALA B 301 -0.20 9.43 -28.33
C ALA B 301 -1.59 9.66 -28.87
N PHE B 302 -2.63 9.18 -28.17
CA PHE B 302 -3.99 9.34 -28.70
C PHE B 302 -4.37 10.83 -28.79
N ILE B 303 -4.04 11.62 -27.78
CA ILE B 303 -4.41 13.04 -27.83
C ILE B 303 -3.79 13.69 -29.06
N PRO B 304 -2.46 13.64 -29.27
CA PRO B 304 -1.91 14.35 -30.44
C PRO B 304 -2.28 13.71 -31.77
N LEU B 305 -2.37 12.38 -31.84
CA LEU B 305 -2.56 11.75 -33.15
C LEU B 305 -4.02 11.64 -33.56
N ARG B 306 -4.94 11.60 -32.61
CA ARG B 306 -6.35 11.38 -32.91
C ARG B 306 -7.25 12.54 -32.53
N VAL B 307 -7.04 13.15 -31.36
CA VAL B 307 -7.97 14.18 -30.89
C VAL B 307 -7.71 15.50 -31.60
N ILE B 308 -6.43 15.89 -31.72
CA ILE B 308 -6.10 17.17 -32.35
C ILE B 308 -6.57 17.20 -33.80
N PRO B 309 -6.29 16.20 -34.65
CA PRO B 309 -6.83 16.26 -36.02
C PRO B 309 -8.35 16.27 -36.08
N PHE B 310 -9.00 15.53 -35.19
CA PHE B 310 -10.45 15.51 -35.15
C PHE B 310 -11.00 16.90 -34.83
N LEU B 311 -10.45 17.57 -33.83
CA LEU B 311 -10.93 18.90 -33.48
C LEU B 311 -10.57 19.91 -34.55
N ARG B 312 -9.39 19.78 -35.17
CA ARG B 312 -8.98 20.76 -36.17
C ARG B 312 -9.93 20.74 -37.36
N GLU B 313 -10.30 19.56 -37.85
CA GLU B 313 -11.20 19.51 -38.99
C GLU B 313 -12.63 19.88 -38.61
N LYS B 314 -12.94 19.95 -37.33
CA LYS B 314 -14.18 20.55 -36.86
C LYS B 314 -14.10 22.06 -36.73
N GLY B 315 -12.97 22.67 -37.09
CA GLY B 315 -12.85 24.10 -37.11
C GLY B 315 -12.16 24.72 -35.91
N VAL B 316 -11.67 23.92 -34.97
CA VAL B 316 -10.89 24.49 -33.86
C VAL B 316 -9.52 24.86 -34.42
N PRO B 317 -9.10 26.12 -34.32
CA PRO B 317 -7.80 26.51 -34.88
C PRO B 317 -6.63 25.83 -34.17
N GLN B 318 -5.58 25.59 -34.96
CA GLN B 318 -4.34 25.03 -34.45
C GLN B 318 -3.82 25.79 -33.25
N GLU B 319 -3.86 27.12 -33.33
CA GLU B 319 -3.34 27.94 -32.23
C GLU B 319 -4.15 27.77 -30.95
N THR B 320 -5.45 27.52 -31.07
CA THR B 320 -6.26 27.22 -29.89
C THR B 320 -5.86 25.88 -29.29
N LEU B 321 -5.63 24.88 -30.14
CA LEU B 321 -5.22 23.57 -29.65
C LEU B 321 -3.85 23.63 -29.00
N ALA B 322 -2.93 24.42 -29.56
CA ALA B 322 -1.62 24.58 -28.93
C ALA B 322 -1.73 25.32 -27.60
N GLY B 323 -2.66 26.27 -27.49
CA GLY B 323 -2.86 26.92 -26.20
C GLY B 323 -3.34 25.95 -25.14
N ILE B 324 -4.21 25.01 -25.53
CA ILE B 324 -4.75 24.06 -24.57
C ILE B 324 -3.69 23.06 -24.14
N THR B 325 -2.85 22.61 -25.07
CA THR B 325 -1.91 21.53 -24.78
C THR B 325 -0.53 22.00 -24.35
N VAL B 326 -0.20 23.29 -24.52
CA VAL B 326 1.12 23.81 -24.15
C VAL B 326 0.99 24.88 -23.09
N THR B 327 0.27 25.96 -23.40
CA THR B 327 0.25 27.10 -22.50
C THR B 327 -0.56 26.82 -21.24
N ASN B 328 -1.77 26.26 -21.39
CA ASN B 328 -2.59 25.96 -20.23
C ASN B 328 -1.85 25.08 -19.22
N PRO B 329 -1.21 23.96 -19.61
CA PRO B 329 -0.45 23.18 -18.61
C PRO B 329 0.72 23.94 -18.00
N ALA B 330 1.40 24.77 -18.81
CA ALA B 330 2.52 25.54 -18.28
C ALA B 330 2.06 26.45 -17.14
N ARG B 331 0.92 27.12 -17.31
CA ARG B 331 0.43 28.01 -16.26
C ARG B 331 -0.02 27.22 -15.03
N PHE B 332 -0.60 26.04 -15.26
CA PHE B 332 -1.09 25.19 -14.17
C PHE B 332 0.07 24.67 -13.33
N LEU B 333 1.10 24.12 -13.99
CA LEU B 333 2.20 23.45 -13.29
C LEU B 333 3.20 24.42 -12.69
N SER B 334 3.32 25.63 -13.25
CA SER B 334 4.26 26.60 -12.71
C SER B 334 3.90 26.92 -11.26
N PRO B 335 4.81 26.78 -10.32
CA PRO B 335 4.47 27.09 -8.93
C PRO B 335 4.16 28.56 -8.77
N THR B 336 3.17 28.86 -7.95
CA THR B 336 2.91 30.23 -7.57
C THR B 336 3.56 30.52 -6.23
N LEU B 337 3.48 31.77 -5.81
CA LEU B 337 4.12 32.16 -4.56
C LEU B 337 3.54 31.39 -3.39
N ARG B 338 4.42 31.01 -2.46
CA ARG B 338 4.00 30.42 -1.20
C ARG B 338 3.25 31.43 -0.34
N ALA B 339 2.34 30.92 0.48
CA ALA B 339 1.58 31.76 1.42
C ALA B 339 2.47 32.55 2.37
C FMT C . -0.42 -10.97 12.45
O1 FMT C . -1.60 -11.16 13.01
O2 FMT C . 0.31 -10.04 13.03
ZN ZN D . 0.88 -9.72 14.98
ZN ZN E . -2.80 -10.20 14.27
CAA E4T F . 0.96 -5.40 13.08
CAG E4T F . -0.32 -5.06 15.19
CAH E4T F . -0.80 -6.99 13.74
CAI E4T F . 0.31 -6.12 14.26
CAJ E4T F . -2.05 -6.67 15.82
CAK E4T F . -0.99 -5.77 16.39
CAL E4T F . -1.48 -7.72 14.86
OAC E4T F . -1.67 -4.74 17.16
OAD E4T F . -2.66 -8.34 14.26
OAE E4T F . -0.06 -6.42 17.25
OAF E4T F . -0.68 -8.82 15.38
C TRS G . -4.63 -8.04 19.36
C1 TRS G . -3.66 -6.88 19.59
C2 TRS G . -4.30 -9.16 20.32
C3 TRS G . -4.47 -8.58 17.92
N TRS G . -6.01 -7.61 19.57
O1 TRS G . -3.81 -6.40 20.92
O2 TRS G . -4.40 -8.71 21.67
O3 TRS G . -4.77 -7.56 16.98
O1 P6G H . 24.46 -19.52 6.98
C2 P6G H . 23.31 -18.71 6.73
C3 P6G H . 22.76 -18.22 8.07
O4 P6G H . 23.78 -17.45 8.71
C5 P6G H . 23.37 -16.97 10.00
C6 P6G H . 24.44 -16.04 10.56
O7 P6G H . 24.64 -14.93 9.65
C8 P6G H . 25.60 -14.01 10.18
C9 P6G H . 26.94 -14.10 9.41
O10 P6G H . 26.72 -13.76 8.04
C11 P6G H . 27.88 -14.08 7.26
C12 P6G H . 27.58 -13.81 5.78
O13 P6G H . 27.28 -12.43 5.62
C14 P6G H . 26.51 -12.14 4.45
C15 P6G H . 27.15 -10.91 3.82
O16 P6G H . 27.14 -9.88 4.78
C17 P6G H . 25.86 -9.28 5.01
C18 P6G H . 25.85 -7.92 4.31
O19 P6G H . 24.60 -7.29 4.54
C1 PEG I . 15.94 -22.42 26.59
O1 PEG I . 16.91 -23.17 27.34
C2 PEG I . 14.54 -22.95 26.88
O2 PEG I . 14.21 -22.83 28.27
C3 PEG I . 13.44 -21.65 28.48
C4 PEG I . 13.07 -21.52 29.96
O4 PEG I . 14.26 -21.45 30.76
C1 PGE J . -6.15 -13.75 4.90
O1 PGE J . -7.16 -14.63 5.42
C2 PGE J . -6.51 -12.29 5.01
O2 PGE J . -5.48 -11.52 4.40
C3 PGE J . -5.98 -10.75 3.28
C4 PGE J . -7.41 -10.26 3.49
O4 PGE J . -9.41 -7.01 5.34
C6 PGE J . -9.25 -7.48 4.00
C5 PGE J . -8.90 -8.97 3.96
O3 PGE J . -7.67 -9.38 4.59
C FMT K . -5.99 9.65 -10.52
O1 FMT K . -7.27 9.87 -10.53
O2 FMT K . -5.42 8.80 -11.33
ZN ZN L . -5.63 8.51 -13.46
ZN ZN M . -8.72 8.80 -11.37
#